data_2XI5
#
_entry.id   2XI5
#
_cell.length_a   124.200
_cell.length_b   124.200
_cell.length_c   294.320
_cell.angle_alpha   90.00
_cell.angle_beta   90.00
_cell.angle_gamma   120.00
#
_symmetry.space_group_name_H-M   'P 61 2 2'
#
loop_
_entity.id
_entity.type
_entity.pdbx_description
1 polymer 'RNA POLYMERASE L'
2 non-polymer 'MANGANESE (II) ION'
3 water water
#
_entity_poly.entity_id   1
_entity_poly.type   'polypeptide(L)'
_entity_poly.pdbx_seq_one_letter_code
;GMDYQEYQQFLARINTARDACVAKDIDVDLLMARHDYFGRELCKSLNIEYRNDVPFIDIILDIRPEVDPLTIDAPHITPD
NYLYINNVLYIIDYKVSVSNESSVITYDKYYELTRDISDRLSIPIEIVIIRIDPVSRDLHINSDRFKELYPTIVVDINFN
QFFDLKQLLYEKFGDDEEFLLKVA
;
_entity_poly.pdbx_strand_id   A,B,C,D
#
# COMPACT_ATOMS: atom_id res chain seq x y z
N GLY A 1 14.16 18.17 -31.03
CA GLY A 1 13.46 18.40 -29.73
C GLY A 1 11.96 18.54 -29.88
N MET A 2 11.28 18.86 -28.78
CA MET A 2 9.88 19.29 -28.79
C MET A 2 9.77 20.53 -29.69
N ASP A 3 8.72 20.59 -30.50
CA ASP A 3 8.57 21.65 -31.53
C ASP A 3 8.41 23.12 -31.02
N TYR A 4 7.53 23.89 -31.68
CA TYR A 4 7.21 25.27 -31.28
C TYR A 4 5.78 25.35 -30.72
N GLN A 5 4.82 24.88 -31.51
CA GLN A 5 3.40 24.86 -31.12
C GLN A 5 3.21 24.18 -29.74
N GLU A 6 3.96 23.11 -29.50
CA GLU A 6 3.81 22.35 -28.28
C GLU A 6 4.63 22.91 -27.13
N TYR A 7 5.90 23.25 -27.34
CA TYR A 7 6.64 23.87 -26.24
C TYR A 7 5.94 25.12 -25.71
N GLN A 8 5.40 25.90 -26.64
CA GLN A 8 4.92 27.23 -26.30
C GLN A 8 3.63 27.11 -25.52
N GLN A 9 2.78 26.18 -25.93
CA GLN A 9 1.54 25.96 -25.19
C GLN A 9 1.87 25.59 -23.72
N PHE A 10 2.87 24.72 -23.49
CA PHE A 10 3.24 24.32 -22.12
C PHE A 10 3.69 25.53 -21.29
N LEU A 11 4.54 26.36 -21.85
CA LEU A 11 5.01 27.53 -21.10
C LEU A 11 3.85 28.45 -20.75
N ALA A 12 2.94 28.61 -21.70
CA ALA A 12 1.77 29.47 -21.48
C ALA A 12 0.90 28.89 -20.36
N ARG A 13 0.66 27.56 -20.40
CA ARG A 13 -0.13 26.91 -19.37
C ARG A 13 0.50 27.06 -18.00
N ILE A 14 1.82 26.88 -17.91
CA ILE A 14 2.52 27.05 -16.61
C ILE A 14 2.41 28.49 -16.11
N ASN A 15 2.55 29.44 -17.01
CA ASN A 15 2.53 30.84 -16.64
C ASN A 15 1.17 31.28 -16.13
N THR A 16 0.09 30.83 -16.75
CA THR A 16 -1.23 31.25 -16.28
C THR A 16 -1.82 30.42 -15.09
N ALA A 17 -1.26 29.25 -14.77
CA ALA A 17 -1.86 28.38 -13.75
C ALA A 17 -1.74 29.01 -12.37
N ARG A 18 -2.75 28.85 -11.53
CA ARG A 18 -2.58 29.24 -10.11
C ARG A 18 -3.09 28.23 -9.11
N ASP A 19 -3.58 27.07 -9.58
CA ASP A 19 -4.13 26.06 -8.69
C ASP A 19 -3.43 24.73 -8.88
N ALA A 20 -3.26 24.04 -7.77
CA ALA A 20 -2.63 22.75 -7.72
C ALA A 20 -3.20 21.78 -8.74
N CYS A 21 -4.50 21.76 -8.91
CA CYS A 21 -5.12 20.77 -9.77
C CYS A 21 -4.78 21.07 -11.25
N VAL A 22 -4.76 22.34 -11.63
CA VAL A 22 -4.31 22.70 -12.97
C VAL A 22 -2.85 22.33 -13.17
N ALA A 23 -2.02 22.64 -12.16
CA ALA A 23 -0.61 22.32 -12.20
C ALA A 23 -0.35 20.83 -12.43
N LYS A 24 -1.07 19.97 -11.74
CA LYS A 24 -0.83 18.55 -11.84
C LYS A 24 -1.27 18.03 -13.19
N ASP A 25 -2.31 18.62 -13.75
CA ASP A 25 -2.72 18.29 -15.13
C ASP A 25 -1.61 18.61 -16.13
N ILE A 26 -0.86 19.67 -15.88
CA ILE A 26 0.28 20.04 -16.68
C ILE A 26 1.39 19.01 -16.54
N ASP A 27 1.70 18.65 -15.30
CA ASP A 27 2.71 17.63 -14.99
C ASP A 27 2.40 16.34 -15.74
N VAL A 28 1.15 15.95 -15.70
CA VAL A 28 0.70 14.74 -16.36
C VAL A 28 0.80 14.84 -17.88
N ASP A 29 0.31 15.93 -18.45
CA ASP A 29 0.44 16.16 -19.91
C ASP A 29 1.91 16.24 -20.35
N LEU A 30 2.80 16.83 -19.52
CA LEU A 30 4.20 16.83 -19.87
C LEU A 30 4.71 15.42 -20.05
N LEU A 31 4.29 14.52 -19.18
CA LEU A 31 4.81 13.17 -19.23
C LEU A 31 4.24 12.45 -20.44
N MET A 32 2.96 12.69 -20.77
CA MET A 32 2.37 12.10 -21.97
CA MET A 32 2.36 12.11 -21.96
C MET A 32 3.07 12.64 -23.23
N ALA A 33 3.36 13.94 -23.24
CA ALA A 33 4.08 14.56 -24.39
C ALA A 33 5.47 13.98 -24.60
N ARG A 34 6.16 13.68 -23.50
CA ARG A 34 7.50 13.14 -23.55
C ARG A 34 7.51 11.74 -24.12
N HIS A 35 6.56 10.95 -23.66
CA HIS A 35 6.40 9.60 -24.17
C HIS A 35 6.09 9.63 -25.66
N ASP A 36 5.19 10.52 -26.08
CA ASP A 36 4.81 10.63 -27.50
C ASP A 36 5.94 11.14 -28.38
N TYR A 37 6.77 12.02 -27.83
CA TYR A 37 7.92 12.55 -28.50
C TYR A 37 8.90 11.43 -28.71
N PHE A 38 9.16 10.64 -27.69
CA PHE A 38 10.02 9.47 -27.89
C PHE A 38 9.47 8.52 -28.95
N GLY A 39 8.18 8.24 -28.89
CA GLY A 39 7.57 7.36 -29.88
C GLY A 39 7.83 7.82 -31.30
N ARG A 40 7.59 9.09 -31.54
CA ARG A 40 7.78 9.68 -32.87
C ARG A 40 9.21 9.56 -33.32
N GLU A 41 10.13 9.89 -32.41
CA GLU A 41 11.54 9.84 -32.76
C GLU A 41 11.98 8.41 -32.96
N LEU A 42 11.47 7.49 -32.15
CA LEU A 42 11.87 6.10 -32.34
C LEU A 42 11.41 5.58 -33.73
N CYS A 43 10.19 5.95 -34.08
CA CYS A 43 9.61 5.50 -35.33
C CYS A 43 10.41 6.08 -36.53
N LYS A 44 10.82 7.34 -36.47
CA LYS A 44 11.75 7.91 -37.49
C LYS A 44 13.02 7.09 -37.59
N SER A 45 13.61 6.67 -36.47
CA SER A 45 14.82 5.85 -36.49
C SER A 45 14.59 4.49 -37.05
N LEU A 46 13.45 3.88 -36.77
CA LEU A 46 13.17 2.56 -37.31
C LEU A 46 12.62 2.66 -38.74
N ASN A 47 12.30 3.88 -39.18
CA ASN A 47 11.58 4.14 -40.43
CA ASN A 47 11.61 4.11 -40.44
C ASN A 47 10.27 3.34 -40.50
N ILE A 48 9.46 3.45 -39.45
CA ILE A 48 8.13 2.79 -39.46
C ILE A 48 7.07 3.84 -39.20
N GLU A 49 5.85 3.53 -39.58
CA GLU A 49 4.73 4.40 -39.31
C GLU A 49 4.51 4.54 -37.80
N TYR A 50 4.29 5.76 -37.36
CA TYR A 50 3.95 6.04 -35.99
C TYR A 50 2.44 5.95 -36.00
N ARG A 51 1.88 5.09 -35.16
CA ARG A 51 0.44 4.89 -35.18
C ARG A 51 -0.33 5.57 -34.07
N ASN A 52 -1.61 5.82 -34.33
CA ASN A 52 -2.48 6.63 -33.51
C ASN A 52 -3.64 5.80 -32.94
N ASP A 53 -3.43 5.18 -31.80
CA ASP A 53 -4.48 4.44 -31.11
C ASP A 53 -5.14 3.35 -31.97
N VAL A 54 -4.38 2.41 -32.55
CA VAL A 54 -4.96 1.39 -33.37
C VAL A 54 -5.30 0.22 -32.42
N PRO A 55 -6.58 -0.13 -32.33
CA PRO A 55 -7.01 -1.21 -31.46
C PRO A 55 -6.63 -2.55 -32.04
N PHE A 56 -6.47 -3.53 -31.18
CA PHE A 56 -6.00 -4.83 -31.60
C PHE A 56 -6.88 -5.39 -32.69
N ILE A 57 -8.18 -5.20 -32.58
CA ILE A 57 -9.03 -5.73 -33.58
C ILE A 57 -8.62 -5.19 -34.96
N ASP A 58 -8.32 -3.90 -35.04
CA ASP A 58 -7.85 -3.29 -36.29
C ASP A 58 -6.47 -3.85 -36.73
N ILE A 59 -5.64 -4.21 -35.79
CA ILE A 59 -4.38 -4.86 -36.11
C ILE A 59 -4.64 -6.19 -36.86
N ILE A 60 -5.67 -6.93 -36.44
CA ILE A 60 -6.03 -8.20 -37.09
C ILE A 60 -6.56 -8.00 -38.46
N LEU A 61 -7.45 -7.06 -38.64
CA LEU A 61 -8.00 -6.78 -39.96
C LEU A 61 -6.95 -6.30 -40.99
N ASP A 62 -5.84 -5.75 -40.50
CA ASP A 62 -4.79 -5.23 -41.39
C ASP A 62 -3.93 -6.37 -41.96
N ILE A 63 -3.73 -7.43 -41.19
CA ILE A 63 -2.78 -8.48 -41.46
C ILE A 63 -3.35 -9.89 -41.68
N ARG A 64 -4.67 -10.05 -41.49
CA ARG A 64 -5.41 -11.30 -41.81
C ARG A 64 -6.81 -10.86 -42.10
N PRO A 65 -7.02 -10.35 -43.29
CA PRO A 65 -8.11 -9.48 -43.64
C PRO A 65 -9.36 -10.25 -44.06
N GLU A 66 -9.23 -11.58 -44.16
CA GLU A 66 -10.40 -12.44 -44.23
C GLU A 66 -11.20 -12.48 -42.89
N VAL A 67 -10.56 -12.21 -41.75
CA VAL A 67 -11.24 -12.18 -40.45
C VAL A 67 -12.53 -11.33 -40.45
N ASP A 68 -13.58 -11.84 -39.82
CA ASP A 68 -14.82 -11.07 -39.64
C ASP A 68 -14.73 -10.29 -38.32
N PRO A 69 -14.74 -8.96 -38.39
CA PRO A 69 -14.56 -8.24 -37.15
C PRO A 69 -15.75 -8.33 -36.16
N LEU A 70 -16.91 -8.77 -36.62
CA LEU A 70 -18.11 -8.82 -35.78
C LEU A 70 -18.04 -9.98 -34.80
N THR A 71 -17.17 -10.94 -35.10
CA THR A 71 -17.06 -12.23 -34.43
C THR A 71 -15.75 -12.54 -33.77
N ILE A 72 -14.66 -12.13 -34.40
CA ILE A 72 -13.35 -12.54 -33.94
C ILE A 72 -13.24 -12.31 -32.46
N ASP A 73 -12.68 -13.31 -31.78
CA ASP A 73 -12.44 -13.21 -30.35
C ASP A 73 -11.09 -12.64 -30.18
N ALA A 74 -11.03 -11.35 -29.93
CA ALA A 74 -9.77 -10.68 -29.95
C ALA A 74 -9.69 -9.88 -28.70
N PRO A 75 -8.47 -9.63 -28.25
CA PRO A 75 -8.29 -8.95 -27.01
C PRO A 75 -8.61 -7.47 -27.15
N HIS A 76 -8.85 -6.84 -26.00
CA HIS A 76 -9.29 -5.46 -25.97
C HIS A 76 -8.10 -4.69 -25.43
N ILE A 77 -7.10 -4.51 -26.29
CA ILE A 77 -5.93 -3.68 -25.95
C ILE A 77 -5.64 -2.74 -27.11
N THR A 78 -5.02 -1.60 -26.78
CA THR A 78 -4.57 -0.63 -27.79
C THR A 78 -3.10 -0.33 -27.55
N PRO A 79 -2.23 -1.08 -28.23
CA PRO A 79 -0.80 -0.90 -28.06
C PRO A 79 -0.32 0.32 -28.81
N ASP A 80 0.80 0.88 -28.38
CA ASP A 80 1.36 2.05 -29.08
C ASP A 80 1.60 1.76 -30.58
N ASN A 81 2.06 0.55 -30.93
CA ASN A 81 2.39 0.30 -32.32
C ASN A 81 2.51 -1.18 -32.54
N TYR A 82 2.68 -1.57 -33.80
CA TYR A 82 2.88 -2.96 -34.20
C TYR A 82 3.60 -3.08 -35.55
N LEU A 83 4.36 -4.15 -35.72
CA LEU A 83 4.93 -4.52 -37.00
C LEU A 83 4.59 -5.97 -37.31
N TYR A 84 4.23 -6.26 -38.54
CA TYR A 84 4.02 -7.63 -39.01
C TYR A 84 5.03 -7.89 -40.13
N ILE A 85 5.99 -8.77 -39.85
CA ILE A 85 7.18 -8.93 -40.66
C ILE A 85 7.46 -10.41 -40.70
N ASN A 86 7.54 -10.96 -41.90
CA ASN A 86 7.84 -12.40 -42.03
C ASN A 86 6.96 -13.29 -41.16
N ASN A 87 5.64 -13.07 -41.25
CA ASN A 87 4.66 -13.84 -40.43
C ASN A 87 4.93 -13.88 -38.90
N VAL A 88 5.55 -12.83 -38.36
CA VAL A 88 5.63 -12.62 -36.89
C VAL A 88 4.97 -11.26 -36.63
N LEU A 89 4.03 -11.23 -35.69
CA LEU A 89 3.38 -9.98 -35.24
C LEU A 89 4.10 -9.52 -33.97
N TYR A 90 4.76 -8.38 -34.08
CA TYR A 90 5.43 -7.73 -32.95
C TYR A 90 4.49 -6.67 -32.43
N ILE A 91 4.18 -6.74 -31.14
CA ILE A 91 3.32 -5.73 -30.50
C ILE A 91 4.20 -4.79 -29.70
N ILE A 92 4.09 -3.50 -29.94
CA ILE A 92 5.11 -2.59 -29.46
C ILE A 92 4.55 -1.59 -28.48
N ASP A 93 5.24 -1.44 -27.37
CA ASP A 93 4.95 -0.36 -26.39
C ASP A 93 6.17 0.53 -26.14
N TYR A 94 5.96 1.84 -26.13
CA TYR A 94 7.01 2.78 -25.78
C TYR A 94 6.98 3.01 -24.26
N LYS A 95 8.14 3.18 -23.63
CA LYS A 95 8.25 3.65 -22.25
C LYS A 95 9.38 4.65 -22.13
N VAL A 96 9.17 5.67 -21.32
CA VAL A 96 10.25 6.58 -20.92
C VAL A 96 10.30 6.46 -19.39
N SER A 97 11.31 5.81 -18.86
CA SER A 97 11.35 5.60 -17.42
C SER A 97 12.70 5.14 -17.03
N VAL A 98 13.12 5.56 -15.82
CA VAL A 98 14.36 5.08 -15.17
C VAL A 98 14.26 3.68 -14.60
N SER A 99 13.06 3.09 -14.62
CA SER A 99 12.96 1.74 -14.11
C SER A 99 12.07 0.89 -15.00
N ASN A 100 12.10 -0.39 -14.74
CA ASN A 100 11.38 -1.34 -15.57
C ASN A 100 10.02 -1.65 -15.01
N GLU A 101 9.62 -1.02 -13.93
CA GLU A 101 8.37 -1.43 -13.29
C GLU A 101 7.17 -1.30 -14.21
N SER A 102 7.00 -0.15 -14.87
CA SER A 102 5.83 0.02 -15.75
C SER A 102 5.93 -0.94 -16.92
N SER A 103 7.16 -1.27 -17.33
CA SER A 103 7.33 -2.15 -18.48
C SER A 103 6.90 -3.55 -18.14
N VAL A 104 7.20 -4.02 -16.94
CA VAL A 104 6.78 -5.39 -16.54
C VAL A 104 5.26 -5.55 -16.52
N ILE A 105 4.57 -4.52 -16.04
CA ILE A 105 3.11 -4.49 -15.97
C ILE A 105 2.52 -4.61 -17.37
N THR A 106 2.96 -3.75 -18.29
CA THR A 106 2.45 -3.77 -19.65
C THR A 106 2.80 -5.10 -20.33
N TYR A 107 4.04 -5.57 -20.16
CA TYR A 107 4.45 -6.86 -20.76
C TYR A 107 3.54 -8.03 -20.31
N ASP A 108 3.38 -8.20 -19.01
CA ASP A 108 2.58 -9.33 -18.47
C ASP A 108 1.16 -9.27 -18.98
N LYS A 109 0.55 -8.06 -18.94
CA LYS A 109 -0.80 -7.83 -19.48
C LYS A 109 -0.93 -8.19 -20.97
N TYR A 110 -0.11 -7.58 -21.80
CA TYR A 110 -0.13 -7.82 -23.24
C TYR A 110 0.24 -9.28 -23.60
N TYR A 111 1.22 -9.84 -22.91
CA TYR A 111 1.57 -11.24 -23.15
C TYR A 111 0.38 -12.15 -22.86
N GLU A 112 -0.18 -12.04 -21.67
CA GLU A 112 -1.35 -12.87 -21.28
C GLU A 112 -2.53 -12.74 -22.23
N LEU A 113 -2.87 -11.50 -22.61
CA LEU A 113 -4.08 -11.29 -23.37
C LEU A 113 -3.97 -11.65 -24.82
N THR A 114 -2.75 -11.93 -25.29
CA THR A 114 -2.53 -12.27 -26.71
C THR A 114 -2.22 -13.75 -26.94
N ARG A 115 -2.20 -14.57 -25.90
CA ARG A 115 -1.88 -15.97 -26.11
C ARG A 115 -2.95 -16.66 -26.96
N ASP A 116 -4.22 -16.46 -26.58
CA ASP A 116 -5.28 -17.19 -27.28
C ASP A 116 -5.45 -16.76 -28.71
N ILE A 117 -5.37 -15.47 -28.97
CA ILE A 117 -5.48 -15.04 -30.36
C ILE A 117 -4.25 -15.48 -31.16
N SER A 118 -3.10 -15.63 -30.53
CA SER A 118 -1.95 -16.20 -31.27
C SER A 118 -2.25 -17.64 -31.77
N ASP A 119 -2.78 -18.48 -30.89
CA ASP A 119 -3.15 -19.88 -31.26
C ASP A 119 -4.21 -19.94 -32.36
N ARG A 120 -5.20 -19.05 -32.32
CA ARG A 120 -6.27 -19.05 -33.32
C ARG A 120 -5.79 -18.65 -34.67
N LEU A 121 -4.97 -17.60 -34.72
CA LEU A 121 -4.47 -17.18 -35.98
C LEU A 121 -3.29 -18.03 -36.40
N SER A 122 -2.71 -18.83 -35.52
CA SER A 122 -1.39 -19.45 -35.80
C SER A 122 -0.38 -18.38 -36.41
N ILE A 123 -0.20 -17.29 -35.63
CA ILE A 123 0.84 -16.28 -35.80
C ILE A 123 1.47 -16.06 -34.42
N PRO A 124 2.79 -16.31 -34.27
CA PRO A 124 3.33 -15.98 -32.93
C PRO A 124 3.26 -14.48 -32.69
N ILE A 125 3.01 -14.08 -31.46
CA ILE A 125 2.84 -12.68 -31.14
C ILE A 125 3.93 -12.32 -30.17
N GLU A 126 4.83 -11.43 -30.62
CA GLU A 126 5.98 -11.05 -29.83
C GLU A 126 5.73 -9.69 -29.20
N ILE A 127 5.86 -9.62 -27.89
CA ILE A 127 5.60 -8.42 -27.17
C ILE A 127 6.93 -7.67 -26.96
N VAL A 128 6.99 -6.42 -27.44
CA VAL A 128 8.23 -5.64 -27.42
C VAL A 128 8.01 -4.37 -26.65
N ILE A 129 8.68 -4.25 -25.50
CA ILE A 129 8.65 -3.01 -24.76
C ILE A 129 9.94 -2.30 -25.10
N ILE A 130 9.84 -1.13 -25.73
CA ILE A 130 11.01 -0.30 -26.02
C ILE A 130 11.10 0.86 -25.01
N ARG A 131 12.06 0.78 -24.11
CA ARG A 131 12.17 1.78 -23.05
C ARG A 131 13.40 2.63 -23.25
N ILE A 132 13.22 3.93 -23.07
CA ILE A 132 14.36 4.82 -23.02
C ILE A 132 14.48 5.33 -21.59
N ASP A 133 15.68 5.27 -21.07
CA ASP A 133 15.96 5.81 -19.76
C ASP A 133 16.26 7.28 -19.98
N PRO A 134 15.42 8.19 -19.44
CA PRO A 134 15.60 9.58 -19.83
C PRO A 134 16.81 10.29 -19.24
N VAL A 135 17.54 9.65 -18.31
CA VAL A 135 18.79 10.23 -17.76
C VAL A 135 20.01 9.77 -18.56
N SER A 136 20.17 8.47 -18.74
CA SER A 136 21.27 7.96 -19.55
C SER A 136 20.99 8.11 -21.03
N ARG A 137 19.71 8.15 -21.38
CA ARG A 137 19.24 8.15 -22.78
C ARG A 137 19.59 6.85 -23.50
N ASP A 138 19.86 5.79 -22.76
CA ASP A 138 20.05 4.49 -23.38
C ASP A 138 18.69 3.79 -23.64
N LEU A 139 18.68 3.00 -24.69
CA LEU A 139 17.51 2.25 -25.11
C LEU A 139 17.57 0.86 -24.50
N HIS A 140 16.47 0.39 -23.93
CA HIS A 140 16.42 -1.00 -23.46
C HIS A 140 15.23 -1.72 -24.07
N ILE A 141 15.47 -2.77 -24.83
CA ILE A 141 14.43 -3.50 -25.51
C ILE A 141 14.48 -4.94 -25.02
N ASN A 142 13.36 -5.49 -24.55
CA ASN A 142 13.39 -6.85 -24.00
C ASN A 142 13.58 -7.88 -25.10
N SER A 143 12.97 -7.68 -26.27
CA SER A 143 12.81 -8.74 -27.28
C SER A 143 14.08 -8.99 -28.08
N ASP A 144 14.73 -10.11 -27.82
CA ASP A 144 15.89 -10.54 -28.61
C ASP A 144 15.52 -10.68 -30.10
N ARG A 145 14.34 -11.20 -30.36
CA ARG A 145 13.88 -11.38 -31.73
C ARG A 145 13.72 -10.04 -32.45
N PHE A 146 13.20 -9.03 -31.76
CA PHE A 146 13.07 -7.70 -32.36
C PHE A 146 14.45 -7.14 -32.64
N LYS A 147 15.36 -7.35 -31.70
CA LYS A 147 16.70 -6.77 -31.85
C LYS A 147 17.51 -7.45 -32.95
N GLU A 148 17.22 -8.69 -33.32
CA GLU A 148 17.85 -9.29 -34.52
C GLU A 148 17.42 -8.56 -35.78
N LEU A 149 16.14 -8.17 -35.89
CA LEU A 149 15.66 -7.39 -37.03
C LEU A 149 16.20 -5.98 -37.13
N TYR A 150 16.46 -5.38 -35.97
CA TYR A 150 16.93 -4.01 -35.90
C TYR A 150 18.13 -3.98 -34.94
N PRO A 151 19.30 -4.35 -35.44
CA PRO A 151 20.44 -4.62 -34.54
C PRO A 151 21.14 -3.38 -33.99
N THR A 152 21.08 -2.28 -34.68
CA THR A 152 21.61 -1.08 -34.05
C THR A 152 20.63 0.04 -34.32
N ILE A 153 19.96 0.45 -33.27
CA ILE A 153 18.92 1.45 -33.35
C ILE A 153 19.50 2.64 -32.63
N VAL A 154 19.45 3.80 -33.26
CA VAL A 154 19.98 5.01 -32.67
C VAL A 154 18.86 6.02 -32.61
N VAL A 155 18.54 6.42 -31.39
CA VAL A 155 17.55 7.43 -31.15
C VAL A 155 18.31 8.51 -30.38
N ASP A 156 18.75 9.51 -31.12
CA ASP A 156 19.63 10.49 -30.56
C ASP A 156 18.74 11.63 -30.13
N ILE A 157 18.19 11.53 -28.93
CA ILE A 157 17.38 12.62 -28.40
C ILE A 157 17.70 12.89 -26.96
N ASN A 158 17.19 14.01 -26.48
CA ASN A 158 17.16 14.22 -25.04
C ASN A 158 15.88 14.88 -24.64
N PHE A 159 15.67 14.89 -23.35
CA PHE A 159 14.44 15.34 -22.76
C PHE A 159 14.62 16.65 -21.97
N ASN A 160 15.63 17.44 -22.35
CA ASN A 160 15.96 18.68 -21.65
C ASN A 160 14.82 19.67 -21.56
N GLN A 161 14.03 19.80 -22.61
CA GLN A 161 12.91 20.76 -22.57
C GLN A 161 11.82 20.34 -21.56
N PHE A 162 11.55 19.04 -21.49
CA PHE A 162 10.58 18.51 -20.53
C PHE A 162 11.08 18.74 -19.11
N PHE A 163 12.36 18.48 -18.87
CA PHE A 163 12.95 18.76 -17.59
C PHE A 163 12.84 20.26 -17.25
N ASP A 164 13.10 21.14 -18.19
CA ASP A 164 13.04 22.57 -17.93
C ASP A 164 11.61 23.00 -17.61
N LEU A 165 10.64 22.52 -18.38
CA LEU A 165 9.27 22.85 -18.11
C LEU A 165 8.85 22.33 -16.73
N LYS A 166 9.34 21.18 -16.34
CA LYS A 166 8.95 20.67 -15.05
C LYS A 166 9.56 21.50 -13.91
N GLN A 167 10.79 21.97 -14.05
CA GLN A 167 11.35 22.89 -13.03
C GLN A 167 10.60 24.21 -12.93
N LEU A 168 10.21 24.81 -14.05
CA LEU A 168 9.34 25.97 -14.01
C LEU A 168 8.10 25.67 -13.17
N LEU A 169 7.47 24.53 -13.44
CA LEU A 169 6.28 24.12 -12.70
C LEU A 169 6.57 23.99 -11.21
N TYR A 170 7.63 23.27 -10.85
CA TYR A 170 8.00 23.13 -9.41
C TYR A 170 8.49 24.44 -8.78
N GLU A 171 9.07 25.35 -9.56
CA GLU A 171 9.48 26.63 -9.01
C GLU A 171 8.26 27.39 -8.57
N LYS A 172 7.18 27.27 -9.35
CA LYS A 172 5.95 27.97 -9.08
C LYS A 172 4.99 27.28 -8.05
N PHE A 173 5.04 25.96 -7.94
CA PHE A 173 4.12 25.24 -7.06
C PHE A 173 4.84 24.40 -6.02
N GLY A 174 6.14 24.63 -5.86
CA GLY A 174 6.94 23.80 -4.97
C GLY A 174 6.65 23.89 -3.48
N ASP A 175 5.95 24.96 -3.07
CA ASP A 175 5.48 25.10 -1.68
C ASP A 175 3.98 25.02 -1.53
N ASP A 176 3.30 24.44 -2.52
CA ASP A 176 1.88 24.19 -2.46
C ASP A 176 1.68 22.71 -2.10
N GLU A 177 1.31 22.46 -0.84
CA GLU A 177 1.17 21.11 -0.30
C GLU A 177 0.19 20.26 -1.10
N GLU A 178 -0.91 20.87 -1.54
CA GLU A 178 -1.84 20.18 -2.43
C GLU A 178 -1.16 19.68 -3.70
N PHE A 179 -0.27 20.48 -4.27
CA PHE A 179 0.40 20.05 -5.51
C PHE A 179 1.33 18.89 -5.26
N LEU A 180 2.12 19.04 -4.21
CA LEU A 180 3.17 18.10 -3.94
C LEU A 180 2.67 16.70 -3.75
N LEU A 181 1.47 16.51 -3.21
CA LEU A 181 0.92 15.17 -3.00
C LEU A 181 -0.31 14.89 -3.89
N LYS A 182 -0.49 15.68 -4.93
CA LYS A 182 -1.65 15.49 -5.85
C LYS A 182 -1.44 14.29 -6.76
N VAL A 183 -2.47 13.45 -6.83
CA VAL A 183 -2.54 12.31 -7.73
C VAL A 183 -2.87 12.68 -9.18
N ALA A 184 -2.09 12.10 -10.12
CA ALA A 184 -2.32 12.15 -11.59
C ALA A 184 -3.66 12.77 -12.03
N GLY B 1 30.26 11.98 -0.90
CA GLY B 1 29.69 10.83 -1.63
C GLY B 1 29.51 9.56 -0.84
N MET B 2 29.19 8.51 -1.58
CA MET B 2 29.06 7.14 -1.11
C MET B 2 30.36 6.59 -0.53
N ASP B 3 30.27 5.98 0.66
CA ASP B 3 31.44 5.34 1.30
C ASP B 3 32.23 4.52 0.27
N TYR B 4 33.57 4.57 0.29
CA TYR B 4 34.42 3.85 -0.71
C TYR B 4 34.37 2.30 -0.62
N GLN B 5 34.26 1.77 0.60
CA GLN B 5 34.08 0.32 0.82
C GLN B 5 32.78 -0.16 0.14
N GLU B 6 31.73 0.62 0.31
CA GLU B 6 30.40 0.33 -0.25
C GLU B 6 30.41 0.39 -1.78
N TYR B 7 31.13 1.35 -2.36
CA TYR B 7 31.29 1.42 -3.81
C TYR B 7 31.93 0.16 -4.35
N GLN B 8 32.96 -0.28 -3.64
CA GLN B 8 33.79 -1.39 -4.06
C GLN B 8 33.07 -2.72 -3.90
N GLN B 9 32.28 -2.86 -2.84
CA GLN B 9 31.43 -4.05 -2.73
C GLN B 9 30.43 -4.11 -3.91
N PHE B 10 29.83 -2.99 -4.30
CA PHE B 10 28.91 -3.06 -5.45
C PHE B 10 29.64 -3.49 -6.73
N LEU B 11 30.77 -2.89 -6.98
CA LEU B 11 31.55 -3.18 -8.17
C LEU B 11 31.91 -4.66 -8.20
N ALA B 12 32.24 -5.23 -7.05
CA ALA B 12 32.59 -6.66 -7.03
C ALA B 12 31.36 -7.53 -7.33
N ARG B 13 30.22 -7.16 -6.78
CA ARG B 13 28.98 -7.90 -7.02
C ARG B 13 28.61 -7.88 -8.49
N ILE B 14 28.76 -6.71 -9.12
CA ILE B 14 28.48 -6.59 -10.54
C ILE B 14 29.44 -7.47 -11.34
N ASN B 15 30.72 -7.37 -11.03
CA ASN B 15 31.75 -8.12 -11.79
C ASN B 15 31.55 -9.63 -11.67
N THR B 16 31.20 -10.13 -10.49
CA THR B 16 31.07 -11.57 -10.31
C THR B 16 29.68 -12.12 -10.62
N ALA B 17 28.68 -11.25 -10.86
CA ALA B 17 27.32 -11.70 -11.20
C ALA B 17 27.22 -12.30 -12.60
N ARG B 18 26.44 -13.37 -12.73
CA ARG B 18 26.19 -13.98 -14.05
C ARG B 18 24.72 -14.20 -14.32
N ASP B 19 23.84 -13.98 -13.35
CA ASP B 19 22.44 -14.30 -13.60
C ASP B 19 21.52 -13.07 -13.47
N ALA B 20 20.48 -13.04 -14.31
CA ALA B 20 19.50 -11.96 -14.33
C ALA B 20 19.00 -11.63 -12.92
N CYS B 21 18.66 -12.66 -12.14
CA CYS B 21 18.06 -12.41 -10.82
C CYS B 21 19.03 -11.80 -9.79
N VAL B 22 20.30 -12.16 -9.87
CA VAL B 22 21.32 -11.58 -9.05
C VAL B 22 21.56 -10.13 -9.50
N ALA B 23 21.50 -9.91 -10.81
CA ALA B 23 21.61 -8.57 -11.35
C ALA B 23 20.49 -7.65 -10.87
N LYS B 24 19.25 -8.13 -10.83
CA LYS B 24 18.13 -7.31 -10.36
C LYS B 24 18.25 -7.03 -8.87
N ASP B 25 18.73 -8.00 -8.13
CA ASP B 25 18.95 -7.78 -6.73
C ASP B 25 19.96 -6.69 -6.47
N ILE B 26 21.04 -6.65 -7.26
CA ILE B 26 22.01 -5.57 -7.18
C ILE B 26 21.32 -4.24 -7.49
N ASP B 27 20.53 -4.20 -8.54
CA ASP B 27 19.75 -2.98 -8.91
C ASP B 27 18.93 -2.47 -7.68
N VAL B 28 18.20 -3.39 -7.01
CA VAL B 28 17.33 -3.01 -5.92
C VAL B 28 18.18 -2.54 -4.75
N ASP B 29 19.25 -3.27 -4.46
CA ASP B 29 20.17 -2.84 -3.45
C ASP B 29 20.79 -1.46 -3.76
N LEU B 30 21.10 -1.14 -5.01
CA LEU B 30 21.63 0.21 -5.35
C LEU B 30 20.64 1.29 -4.96
N LEU B 31 19.36 1.11 -5.31
CA LEU B 31 18.28 2.00 -4.89
C LEU B 31 18.15 2.14 -3.39
N MET B 32 18.25 1.05 -2.61
CA MET B 32 18.16 1.17 -1.15
CA MET B 32 18.16 1.12 -1.16
C MET B 32 19.39 1.87 -0.60
N ALA B 33 20.56 1.60 -1.17
CA ALA B 33 21.77 2.32 -0.77
C ALA B 33 21.68 3.82 -1.07
N ARG B 34 21.08 4.16 -2.20
CA ARG B 34 20.90 5.54 -2.59
C ARG B 34 19.95 6.26 -1.60
N HIS B 35 18.85 5.60 -1.26
CA HIS B 35 17.89 6.09 -0.24
C HIS B 35 18.54 6.33 1.11
N ASP B 36 19.33 5.37 1.54
CA ASP B 36 20.01 5.43 2.81
C ASP B 36 21.15 6.48 2.86
N TYR B 37 21.88 6.67 1.76
CA TYR B 37 22.88 7.73 1.69
C TYR B 37 22.16 9.09 1.81
N PHE B 38 21.06 9.24 1.10
CA PHE B 38 20.29 10.45 1.22
C PHE B 38 19.83 10.69 2.65
N GLY B 39 19.23 9.67 3.25
CA GLY B 39 18.83 9.69 4.64
C GLY B 39 19.94 10.14 5.57
N ARG B 40 21.13 9.55 5.43
CA ARG B 40 22.24 9.92 6.29
C ARG B 40 22.58 11.42 6.14
N GLU B 41 22.65 11.90 4.89
CA GLU B 41 23.02 13.31 4.62
C GLU B 41 21.92 14.30 5.05
N LEU B 42 20.67 13.94 4.81
CA LEU B 42 19.56 14.72 5.27
C LEU B 42 19.56 14.85 6.79
N CYS B 43 19.80 13.74 7.49
CA CYS B 43 19.75 13.80 8.94
C CYS B 43 20.83 14.74 9.55
N LYS B 44 22.02 14.73 8.96
CA LYS B 44 23.05 15.71 9.26
C LYS B 44 22.54 17.13 9.03
N SER B 45 21.91 17.37 7.90
CA SER B 45 21.32 18.69 7.66
C SER B 45 20.16 19.05 8.61
N LEU B 46 19.43 18.08 9.14
CA LEU B 46 18.33 18.34 10.06
C LEU B 46 18.79 18.32 11.54
N ASN B 47 20.05 17.97 11.77
CA ASN B 47 20.59 17.76 13.11
C ASN B 47 19.72 16.79 13.91
N ILE B 48 19.44 15.62 13.33
CA ILE B 48 18.82 14.56 14.07
C ILE B 48 19.65 13.31 13.90
N GLU B 49 19.52 12.42 14.87
CA GLU B 49 20.13 11.12 14.82
C GLU B 49 19.60 10.31 13.61
N TYR B 50 20.50 9.77 12.81
CA TYR B 50 20.14 8.85 11.77
C TYR B 50 19.53 7.61 12.40
N ARG B 51 18.39 7.11 11.99
N ARG B 51 18.30 7.38 11.98
CA ARG B 51 17.97 5.83 12.60
CA ARG B 51 17.52 6.21 12.26
C ARG B 51 17.66 4.72 11.59
C ARG B 51 16.96 5.77 10.89
N ASN B 52 17.74 3.47 12.04
N ASN B 52 16.60 4.48 10.86
CA ASN B 52 16.97 2.46 11.32
CA ASN B 52 15.80 3.80 9.83
C ASN B 52 16.27 1.47 12.24
C ASN B 52 14.86 2.81 10.56
N ASP B 53 15.05 1.15 11.88
N ASP B 53 13.64 2.61 10.03
CA ASP B 53 14.32 0.20 12.67
CA ASP B 53 12.69 1.62 10.56
C ASP B 53 13.93 0.90 13.97
C ASP B 53 12.49 1.64 12.11
N VAL B 54 13.22 2.03 13.83
N VAL B 54 12.01 2.77 12.64
CA VAL B 54 12.49 2.68 14.93
CA VAL B 54 11.83 2.95 14.09
C VAL B 54 10.96 2.47 14.85
C VAL B 54 10.49 2.34 14.51
N PRO B 55 10.46 1.42 15.51
CA PRO B 55 9.08 1.00 15.79
C PRO B 55 8.26 2.13 16.39
N PHE B 56 7.03 2.29 15.92
CA PHE B 56 6.22 3.38 16.36
C PHE B 56 6.07 3.40 17.88
N ILE B 57 6.04 2.23 18.51
CA ILE B 57 5.89 2.12 19.94
C ILE B 57 7.11 2.69 20.64
N ASP B 58 8.30 2.51 20.07
CA ASP B 58 9.52 3.12 20.61
C ASP B 58 9.43 4.66 20.57
N ILE B 59 8.84 5.18 19.51
CA ILE B 59 8.62 6.60 19.41
C ILE B 59 7.73 7.07 20.54
N ILE B 60 6.64 6.34 20.79
CA ILE B 60 5.72 6.76 21.81
C ILE B 60 6.42 6.69 23.16
N LEU B 61 7.15 5.63 23.40
CA LEU B 61 7.86 5.56 24.69
C LEU B 61 8.92 6.67 24.87
N ASP B 62 9.54 7.13 23.76
CA ASP B 62 10.51 8.21 23.84
C ASP B 62 9.79 9.51 24.16
N ILE B 63 8.65 9.77 23.52
CA ILE B 63 8.02 11.05 23.73
C ILE B 63 7.13 11.08 24.99
N ARG B 64 6.63 9.93 25.45
CA ARG B 64 5.78 9.85 26.64
C ARG B 64 6.18 8.66 27.46
N PRO B 65 7.26 8.79 28.20
CA PRO B 65 7.86 7.61 28.84
C PRO B 65 7.02 6.88 29.91
N GLU B 66 5.89 7.47 30.30
CA GLU B 66 4.99 6.89 31.28
C GLU B 66 3.91 5.96 30.69
N VAL B 67 3.69 6.02 29.38
CA VAL B 67 2.86 5.03 28.68
C VAL B 67 3.25 3.57 28.99
N ASP B 68 2.26 2.69 29.13
CA ASP B 68 2.51 1.29 29.33
C ASP B 68 2.54 0.64 27.97
N PRO B 69 3.72 0.16 27.57
CA PRO B 69 3.89 -0.36 26.22
C PRO B 69 3.11 -1.63 25.97
N LEU B 70 2.71 -2.31 27.04
CA LEU B 70 1.94 -3.54 26.92
C LEU B 70 0.48 -3.29 26.54
N THR B 71 -0.06 -2.12 26.86
CA THR B 71 -1.48 -1.92 26.74
C THR B 71 -1.89 -0.83 25.78
N ILE B 72 -0.98 0.08 25.40
CA ILE B 72 -1.42 1.22 24.62
C ILE B 72 -1.88 0.75 23.27
N ASP B 73 -3.02 1.30 22.80
CA ASP B 73 -3.57 0.95 21.46
C ASP B 73 -2.98 1.88 20.42
N ALA B 74 -2.00 1.37 19.66
CA ALA B 74 -1.17 2.16 18.78
C ALA B 74 -0.90 1.38 17.48
N PRO B 75 -0.64 2.10 16.36
CA PRO B 75 -0.40 1.51 15.06
C PRO B 75 0.95 0.85 14.97
N HIS B 76 1.11 -0.06 14.00
CA HIS B 76 2.37 -0.72 13.76
CA HIS B 76 2.36 -0.76 13.75
C HIS B 76 2.90 -0.21 12.43
N ILE B 77 3.73 0.84 12.51
CA ILE B 77 4.44 1.38 11.38
C ILE B 77 5.86 1.64 11.82
N THR B 78 6.76 1.59 10.85
CA THR B 78 8.17 1.72 11.13
C THR B 78 8.75 2.81 10.22
N PRO B 79 8.51 4.08 10.56
CA PRO B 79 9.02 5.13 9.68
C PRO B 79 10.52 5.28 9.69
N ASP B 80 11.04 5.96 8.70
CA ASP B 80 12.48 6.22 8.66
C ASP B 80 12.97 7.02 9.85
N ASN B 81 12.23 8.06 10.25
CA ASN B 81 12.70 8.82 11.39
C ASN B 81 11.54 9.65 12.00
N TYR B 82 11.85 10.43 13.00
CA TYR B 82 10.85 11.26 13.60
C TYR B 82 11.47 12.43 14.37
N LEU B 83 10.67 13.43 14.65
CA LEU B 83 11.12 14.51 15.47
C LEU B 83 9.95 14.96 16.36
N TYR B 84 10.20 15.14 17.64
CA TYR B 84 9.16 15.61 18.59
C TYR B 84 9.56 16.98 19.13
N ILE B 85 8.75 18.00 18.86
CA ILE B 85 9.18 19.34 19.19
C ILE B 85 7.99 20.28 19.37
N ASN B 86 7.98 20.97 20.51
CA ASN B 86 6.88 21.86 20.91
CA ASN B 86 6.87 21.80 20.98
C ASN B 86 5.55 21.09 20.87
N ASN B 87 5.56 19.91 21.46
CA ASN B 87 4.43 19.01 21.51
C ASN B 87 3.79 18.67 20.15
N VAL B 88 4.59 18.64 19.09
CA VAL B 88 4.15 18.16 17.77
C VAL B 88 5.08 16.98 17.40
N LEU B 89 4.50 15.86 16.97
CA LEU B 89 5.29 14.75 16.50
C LEU B 89 5.34 14.75 14.98
N TYR B 90 6.54 14.87 14.43
CA TYR B 90 6.74 14.82 13.00
C TYR B 90 7.28 13.45 12.69
N ILE B 91 6.59 12.74 11.81
CA ILE B 91 6.96 11.38 11.40
C ILE B 91 7.57 11.56 10.02
N ILE B 92 8.80 11.12 9.86
CA ILE B 92 9.59 11.49 8.72
C ILE B 92 9.93 10.25 7.85
N ASP B 93 9.71 10.40 6.55
CA ASP B 93 10.05 9.40 5.54
C ASP B 93 10.98 10.00 4.50
N TYR B 94 12.08 9.31 4.20
CA TYR B 94 13.01 9.75 3.13
C TYR B 94 12.55 9.16 1.82
N LYS B 95 12.55 9.94 0.73
CA LYS B 95 12.37 9.38 -0.61
C LYS B 95 13.41 9.97 -1.59
N VAL B 96 13.84 9.12 -2.53
CA VAL B 96 14.64 9.54 -3.65
C VAL B 96 13.87 9.11 -4.89
N SER B 97 13.24 10.06 -5.57
CA SER B 97 12.45 9.73 -6.75
C SER B 97 12.17 10.96 -7.60
N VAL B 98 12.02 10.73 -8.90
CA VAL B 98 11.69 11.79 -9.80
C VAL B 98 10.20 12.05 -9.81
N SER B 99 9.41 11.29 -9.09
CA SER B 99 8.00 11.60 -9.01
C SER B 99 7.50 11.40 -7.60
N ASN B 100 6.27 11.83 -7.40
CA ASN B 100 5.63 11.84 -6.12
C ASN B 100 4.81 10.59 -5.83
N GLU B 101 4.78 9.66 -6.77
CA GLU B 101 3.85 8.53 -6.66
C GLU B 101 4.05 7.77 -5.35
N SER B 102 5.27 7.28 -5.08
CA SER B 102 5.54 6.52 -3.86
C SER B 102 5.30 7.40 -2.61
N SER B 103 5.56 8.70 -2.71
CA SER B 103 5.34 9.65 -1.62
C SER B 103 3.87 9.72 -1.21
N VAL B 104 2.96 9.77 -2.18
CA VAL B 104 1.54 9.79 -1.93
C VAL B 104 1.10 8.51 -1.22
N ILE B 105 1.61 7.38 -1.69
CA ILE B 105 1.30 6.10 -1.08
C ILE B 105 1.79 6.03 0.36
N THR B 106 3.02 6.45 0.63
CA THR B 106 3.50 6.45 2.04
C THR B 106 2.69 7.42 2.88
N TYR B 107 2.46 8.62 2.37
CA TYR B 107 1.79 9.66 3.14
C TYR B 107 0.38 9.20 3.51
N ASP B 108 -0.36 8.65 2.55
CA ASP B 108 -1.75 8.22 2.80
C ASP B 108 -1.80 7.14 3.86
N LYS B 109 -0.90 6.19 3.80
CA LYS B 109 -0.84 5.12 4.80
C LYS B 109 -0.52 5.66 6.21
N TYR B 110 0.54 6.46 6.31
CA TYR B 110 0.99 6.93 7.61
C TYR B 110 -0.03 7.89 8.22
N TYR B 111 -0.62 8.73 7.42
CA TYR B 111 -1.62 9.67 7.91
C TYR B 111 -2.84 8.91 8.47
N GLU B 112 -3.38 8.00 7.65
CA GLU B 112 -4.57 7.22 8.03
C GLU B 112 -4.30 6.47 9.35
N LEU B 113 -3.14 5.85 9.45
CA LEU B 113 -2.87 4.96 10.59
C LEU B 113 -2.44 5.68 11.87
N THR B 114 -2.23 6.99 11.81
CA THR B 114 -1.82 7.74 13.02
C THR B 114 -2.92 8.70 13.51
N ARG B 115 -4.08 8.72 12.89
CA ARG B 115 -5.09 9.67 13.35
C ARG B 115 -5.54 9.33 14.80
N ASP B 116 -5.71 8.05 15.06
CA ASP B 116 -6.35 7.62 16.26
C ASP B 116 -5.39 7.83 17.41
N ILE B 117 -4.13 7.43 17.25
CA ILE B 117 -3.12 7.61 18.29
C ILE B 117 -2.87 9.14 18.53
N SER B 118 -3.05 9.97 17.51
CA SER B 118 -2.92 11.42 17.68
C SER B 118 -4.00 11.95 18.65
N ASP B 119 -5.25 11.53 18.44
CA ASP B 119 -6.33 11.82 19.38
C ASP B 119 -6.08 11.28 20.81
N ARG B 120 -5.67 10.02 20.92
CA ARG B 120 -5.47 9.45 22.23
C ARG B 120 -4.37 10.16 23.03
N LEU B 121 -3.29 10.52 22.35
CA LEU B 121 -2.16 11.12 23.05
C LEU B 121 -2.39 12.61 23.28
N SER B 122 -3.35 13.17 22.56
CA SER B 122 -3.51 14.59 22.40
C SER B 122 -2.19 15.23 21.93
N ILE B 123 -1.58 14.65 20.88
CA ILE B 123 -0.37 15.14 20.21
C ILE B 123 -0.67 15.16 18.70
N PRO B 124 -0.67 16.36 18.07
CA PRO B 124 -0.72 16.46 16.61
C PRO B 124 0.40 15.61 16.00
N ILE B 125 0.08 14.83 14.97
CA ILE B 125 1.08 13.97 14.30
C ILE B 125 1.08 14.41 12.85
N GLU B 126 2.21 14.96 12.40
CA GLU B 126 2.38 15.55 11.07
C GLU B 126 3.25 14.60 10.28
N ILE B 127 2.80 14.20 9.11
CA ILE B 127 3.50 13.23 8.25
C ILE B 127 4.35 14.04 7.27
N VAL B 128 5.64 13.79 7.26
CA VAL B 128 6.57 14.61 6.49
C VAL B 128 7.29 13.68 5.53
N ILE B 129 7.00 13.82 4.25
CA ILE B 129 7.75 13.06 3.26
C ILE B 129 8.79 14.02 2.71
N ILE B 130 10.05 13.66 2.83
CA ILE B 130 11.12 14.51 2.34
C ILE B 130 11.76 13.81 1.15
N ARG B 131 11.46 14.30 -0.05
CA ARG B 131 11.92 13.69 -1.26
C ARG B 131 12.98 14.53 -1.96
N ILE B 132 14.08 13.91 -2.34
CA ILE B 132 15.03 14.52 -3.27
C ILE B 132 14.83 13.92 -4.70
N ASP B 133 14.73 14.79 -5.70
CA ASP B 133 14.62 14.36 -7.09
C ASP B 133 16.08 14.06 -7.51
N PRO B 134 16.38 12.80 -7.90
CA PRO B 134 17.80 12.47 -8.13
C PRO B 134 18.43 13.14 -9.38
N VAL B 135 17.61 13.67 -10.28
CA VAL B 135 18.08 14.31 -11.51
C VAL B 135 18.27 15.82 -11.27
N SER B 136 17.25 16.53 -10.81
CA SER B 136 17.41 17.96 -10.47
C SER B 136 18.19 18.24 -9.21
N ARG B 137 18.19 17.26 -8.30
CA ARG B 137 18.69 17.41 -6.92
C ARG B 137 17.94 18.43 -6.05
N ASP B 138 16.77 18.84 -6.46
CA ASP B 138 15.89 19.66 -5.60
C ASP B 138 15.21 18.82 -4.51
N LEU B 139 15.06 19.41 -3.33
CA LEU B 139 14.33 18.85 -2.20
C LEU B 139 12.88 19.28 -2.23
N HIS B 140 11.97 18.34 -2.08
CA HIS B 140 10.55 18.64 -2.04
C HIS B 140 9.97 18.07 -0.77
N ILE B 141 9.36 18.94 0.02
CA ILE B 141 8.80 18.56 1.31
C ILE B 141 7.36 18.96 1.36
N ASN B 142 6.50 17.97 1.62
CA ASN B 142 5.06 18.28 1.64
C ASN B 142 4.64 19.21 2.72
N SER B 143 5.23 19.08 3.90
CA SER B 143 4.65 19.70 5.12
C SER B 143 5.09 21.17 5.33
N ASP B 144 4.13 22.08 5.17
CA ASP B 144 4.31 23.47 5.51
C ASP B 144 4.76 23.65 6.93
N ARG B 145 4.19 22.87 7.82
CA ARG B 145 4.51 22.98 9.23
C ARG B 145 5.95 22.59 9.52
N PHE B 146 6.44 21.56 8.81
CA PHE B 146 7.83 21.13 8.99
C PHE B 146 8.78 22.16 8.43
N LYS B 147 8.44 22.69 7.28
CA LYS B 147 9.26 23.72 6.66
C LYS B 147 9.30 25.07 7.42
N GLU B 148 8.25 25.42 8.14
CA GLU B 148 8.29 26.60 9.05
C GLU B 148 9.14 26.36 10.27
N LEU B 149 9.21 25.13 10.75
CA LEU B 149 10.06 24.76 11.85
C LEU B 149 11.54 24.99 11.55
N TYR B 150 11.97 24.61 10.34
CA TYR B 150 13.38 24.59 10.01
C TYR B 150 13.79 25.86 9.24
N PRO B 151 15.05 26.31 9.38
CA PRO B 151 15.59 27.22 8.36
C PRO B 151 15.64 26.47 7.04
N THR B 152 15.74 27.18 5.93
CA THR B 152 15.81 26.53 4.59
C THR B 152 16.74 25.30 4.62
N ILE B 153 16.23 24.12 4.25
CA ILE B 153 17.00 22.91 4.34
C ILE B 153 17.78 22.71 3.05
N VAL B 154 19.07 22.47 3.18
CA VAL B 154 19.92 22.26 2.04
C VAL B 154 20.69 20.98 2.28
N VAL B 155 20.54 20.06 1.33
CA VAL B 155 21.29 18.82 1.27
C VAL B 155 21.98 18.75 -0.11
N ASP B 156 23.19 19.25 -0.19
CA ASP B 156 23.88 19.42 -1.48
C ASP B 156 24.71 18.15 -1.75
N ILE B 157 24.07 17.16 -2.37
CA ILE B 157 24.75 15.93 -2.70
C ILE B 157 24.44 15.57 -4.11
N ASN B 158 25.08 14.54 -4.64
CA ASN B 158 24.59 13.95 -5.89
C ASN B 158 24.69 12.44 -5.90
N PHE B 159 24.08 11.83 -6.89
CA PHE B 159 23.96 10.40 -7.00
C PHE B 159 24.73 9.81 -8.23
N ASN B 160 25.72 10.56 -8.75
CA ASN B 160 26.58 10.14 -9.87
C ASN B 160 27.16 8.75 -9.70
N GLN B 161 27.65 8.39 -8.51
CA GLN B 161 28.20 7.03 -8.31
C GLN B 161 27.16 5.94 -8.48
N PHE B 162 25.93 6.22 -8.06
CA PHE B 162 24.87 5.25 -8.16
C PHE B 162 24.50 5.11 -9.62
N PHE B 163 24.49 6.22 -10.35
CA PHE B 163 24.21 6.21 -11.79
CA PHE B 163 24.15 6.17 -11.77
C PHE B 163 25.31 5.46 -12.52
N ASP B 164 26.56 5.66 -12.11
CA ASP B 164 27.70 4.90 -12.73
C ASP B 164 27.62 3.37 -12.45
N LEU B 165 27.33 2.97 -11.22
CA LEU B 165 27.17 1.55 -10.95
C LEU B 165 26.01 0.98 -11.76
N LYS B 166 24.90 1.69 -11.81
CA LYS B 166 23.80 1.18 -12.59
C LYS B 166 24.16 0.98 -14.07
N GLN B 167 25.04 1.84 -14.59
CA GLN B 167 25.46 1.75 -15.99
C GLN B 167 26.31 0.55 -16.23
N LEU B 168 27.21 0.25 -15.29
CA LEU B 168 27.99 -0.94 -15.35
C LEU B 168 27.05 -2.13 -15.38
N LEU B 169 26.04 -2.13 -14.52
CA LEU B 169 25.13 -3.26 -14.44
C LEU B 169 24.43 -3.51 -15.78
N TYR B 170 23.89 -2.45 -16.38
CA TYR B 170 23.25 -2.55 -17.68
C TYR B 170 24.20 -2.83 -18.89
N GLU B 171 25.45 -2.37 -18.79
CA GLU B 171 26.47 -2.73 -19.78
C GLU B 171 26.57 -4.28 -19.84
N LYS B 172 26.58 -4.89 -18.68
CA LYS B 172 26.68 -6.33 -18.58
C LYS B 172 25.37 -7.10 -18.86
N PHE B 173 24.22 -6.59 -18.40
CA PHE B 173 22.95 -7.35 -18.47
C PHE B 173 21.86 -6.78 -19.38
N GLY B 174 22.18 -5.75 -20.16
CA GLY B 174 21.15 -4.99 -20.85
C GLY B 174 20.59 -5.68 -22.07
N ASP B 175 21.22 -6.78 -22.49
CA ASP B 175 20.69 -7.63 -23.55
C ASP B 175 20.17 -8.97 -23.03
N ASP B 176 19.92 -9.06 -21.73
CA ASP B 176 19.34 -10.24 -21.12
C ASP B 176 17.85 -9.95 -20.84
N GLU B 177 16.97 -10.59 -21.61
CA GLU B 177 15.53 -10.35 -21.50
C GLU B 177 15.04 -10.61 -20.07
N GLU B 178 15.61 -11.61 -19.40
CA GLU B 178 15.16 -11.95 -18.08
C GLU B 178 15.49 -10.82 -17.14
N PHE B 179 16.65 -10.21 -17.27
CA PHE B 179 17.00 -9.03 -16.47
C PHE B 179 16.07 -7.85 -16.77
N LEU B 180 15.87 -7.57 -18.05
CA LEU B 180 15.12 -6.40 -18.46
C LEU B 180 13.69 -6.44 -17.92
N LEU B 181 13.11 -7.63 -17.79
CA LEU B 181 11.75 -7.76 -17.31
C LEU B 181 11.69 -8.42 -15.93
N LYS B 182 12.79 -8.36 -15.18
CA LYS B 182 12.82 -8.96 -13.86
C LYS B 182 12.15 -8.04 -12.85
N VAL B 183 11.26 -8.65 -12.04
CA VAL B 183 10.61 -7.96 -10.94
C VAL B 183 11.42 -8.10 -9.64
N ALA B 184 11.70 -6.93 -9.03
CA ALA B 184 12.26 -6.81 -7.66
C ALA B 184 12.23 -8.11 -6.84
N GLY C 1 -29.40 34.88 5.56
CA GLY C 1 -28.88 33.52 5.23
C GLY C 1 -27.40 33.35 5.57
N MET C 2 -26.60 33.04 4.56
CA MET C 2 -25.14 32.93 4.75
C MET C 2 -24.48 34.32 4.84
N ASP C 3 -23.39 34.34 5.60
CA ASP C 3 -22.49 35.49 5.78
C ASP C 3 -22.25 36.28 4.47
N TYR C 4 -22.07 37.60 4.58
CA TYR C 4 -21.81 38.42 3.38
C TYR C 4 -20.43 38.12 2.78
N GLN C 5 -19.40 38.10 3.63
CA GLN C 5 -18.03 37.77 3.21
C GLN C 5 -17.93 36.41 2.51
N GLU C 6 -18.51 35.39 3.14
CA GLU C 6 -18.52 34.03 2.61
C GLU C 6 -19.12 34.04 1.20
N TYR C 7 -20.21 34.77 1.02
CA TYR C 7 -20.86 34.89 -0.28
C TYR C 7 -19.88 35.48 -1.28
N GLN C 8 -19.30 36.62 -0.93
CA GLN C 8 -18.36 37.33 -1.81
C GLN C 8 -17.17 36.45 -2.17
N GLN C 9 -16.59 35.81 -1.17
CA GLN C 9 -15.50 34.89 -1.43
C GLN C 9 -15.90 33.85 -2.50
N PHE C 10 -17.14 33.35 -2.44
CA PHE C 10 -17.61 32.37 -3.42
C PHE C 10 -17.79 32.99 -4.80
N LEU C 11 -18.35 34.19 -4.84
CA LEU C 11 -18.66 34.84 -6.12
C LEU C 11 -17.36 35.19 -6.84
N ALA C 12 -16.38 35.67 -6.08
CA ALA C 12 -15.04 35.94 -6.60
C ALA C 12 -14.36 34.67 -7.11
N ARG C 13 -14.53 33.56 -6.40
CA ARG C 13 -13.94 32.29 -6.87
C ARG C 13 -14.52 31.87 -8.23
N ILE C 14 -15.82 32.02 -8.40
CA ILE C 14 -16.46 31.65 -9.65
C ILE C 14 -15.97 32.55 -10.79
N ASN C 15 -15.78 33.84 -10.49
CA ASN C 15 -15.41 34.83 -11.52
C ASN C 15 -14.02 34.62 -12.10
N THR C 16 -13.05 34.36 -11.23
CA THR C 16 -11.68 34.11 -11.66
C THR C 16 -11.45 32.65 -12.14
N ALA C 17 -12.38 31.75 -11.88
CA ALA C 17 -12.22 30.35 -12.28
C ALA C 17 -12.23 30.18 -13.80
N ARG C 18 -11.36 29.31 -14.31
CA ARG C 18 -11.25 29.08 -15.75
C ARG C 18 -11.01 27.64 -16.15
N ASP C 19 -10.91 26.77 -15.16
CA ASP C 19 -10.65 25.36 -15.41
C ASP C 19 -11.69 24.51 -14.65
N ALA C 20 -11.96 23.35 -15.21
CA ALA C 20 -12.99 22.47 -14.70
C ALA C 20 -12.70 22.01 -13.30
N CYS C 21 -11.45 21.66 -13.00
CA CYS C 21 -11.11 21.12 -11.72
C CYS C 21 -11.25 22.14 -10.59
N VAL C 22 -11.00 23.41 -10.88
CA VAL C 22 -11.25 24.50 -9.95
C VAL C 22 -12.73 24.74 -9.74
N ALA C 23 -13.46 24.67 -10.85
CA ALA C 23 -14.89 24.84 -10.81
C ALA C 23 -15.50 23.78 -9.94
N LYS C 24 -15.04 22.54 -10.07
CA LYS C 24 -15.62 21.47 -9.32
C LYS C 24 -15.30 21.62 -7.82
N ASP C 25 -14.09 22.01 -7.47
CA ASP C 25 -13.75 22.31 -6.07
C ASP C 25 -14.71 23.34 -5.49
N ILE C 26 -15.16 24.31 -6.29
CA ILE C 26 -16.09 25.29 -5.77
C ILE C 26 -17.43 24.64 -5.46
N ASP C 27 -17.89 23.79 -6.35
CA ASP C 27 -19.15 23.11 -6.25
C ASP C 27 -19.19 22.28 -4.94
N VAL C 28 -18.12 21.52 -4.70
CA VAL C 28 -17.89 20.76 -3.45
C VAL C 28 -17.90 21.69 -2.22
N ASP C 29 -17.14 22.78 -2.29
CA ASP C 29 -17.08 23.73 -1.17
C ASP C 29 -18.43 24.37 -0.89
N LEU C 30 -19.22 24.65 -1.92
CA LEU C 30 -20.55 25.21 -1.69
C LEU C 30 -21.38 24.24 -0.89
N LEU C 31 -21.28 22.95 -1.20
CA LEU C 31 -22.08 21.95 -0.52
C LEU C 31 -21.64 21.79 0.93
N MET C 32 -20.34 21.85 1.20
CA MET C 32 -19.84 21.74 2.58
CA MET C 32 -19.85 21.73 2.57
C MET C 32 -20.27 22.97 3.37
N ALA C 33 -20.25 24.13 2.74
CA ALA C 33 -20.66 25.38 3.36
C ALA C 33 -22.16 25.36 3.67
N ARG C 34 -22.94 24.79 2.78
CA ARG C 34 -24.37 24.61 3.02
C ARG C 34 -24.69 23.71 4.20
N HIS C 35 -23.93 22.63 4.29
CA HIS C 35 -24.08 21.66 5.33
C HIS C 35 -23.71 22.32 6.67
N ASP C 36 -22.64 23.11 6.68
CA ASP C 36 -22.18 23.74 7.93
C ASP C 36 -23.12 24.88 8.36
N TYR C 37 -23.65 25.61 7.40
CA TYR C 37 -24.63 26.62 7.68
C TYR C 37 -25.86 26.00 8.33
N PHE C 38 -26.40 24.97 7.70
CA PHE C 38 -27.50 24.26 8.31
C PHE C 38 -27.15 23.83 9.75
N GLY C 39 -25.98 23.23 9.91
CA GLY C 39 -25.50 22.83 11.21
C GLY C 39 -25.53 23.94 12.25
N ARG C 40 -24.98 25.10 11.91
CA ARG C 40 -24.95 26.19 12.88
C ARG C 40 -26.35 26.64 13.23
N GLU C 41 -27.26 26.67 12.26
CA GLU C 41 -28.58 27.17 12.52
C GLU C 41 -29.37 26.19 13.33
N LEU C 42 -29.26 24.90 12.98
CA LEU C 42 -29.90 23.85 13.74
C LEU C 42 -29.49 23.89 15.21
N CYS C 43 -28.21 24.14 15.45
CA CYS C 43 -27.70 24.16 16.81
C CYS C 43 -28.27 25.35 17.60
N LYS C 44 -28.43 26.47 16.91
CA LYS C 44 -29.13 27.60 17.49
C LYS C 44 -30.59 27.29 17.79
N SER C 45 -31.25 26.54 16.92
CA SER C 45 -32.65 26.23 17.17
C SER C 45 -32.81 25.34 18.37
N LEU C 46 -31.92 24.37 18.50
CA LEU C 46 -31.94 23.43 19.61
C LEU C 46 -31.23 23.99 20.88
N ASN C 47 -30.66 25.18 20.80
CA ASN C 47 -29.87 25.72 21.89
C ASN C 47 -28.86 24.73 22.41
N ILE C 48 -28.05 24.17 21.51
CA ILE C 48 -26.91 23.31 21.88
C ILE C 48 -25.59 23.86 21.33
N GLU C 49 -24.47 23.39 21.87
CA GLU C 49 -23.18 23.88 21.46
C GLU C 49 -22.88 23.37 20.03
N TYR C 50 -22.56 24.27 19.11
CA TYR C 50 -22.07 23.89 17.78
C TYR C 50 -20.65 23.39 17.88
N ARG C 51 -20.40 22.17 17.43
CA ARG C 51 -19.10 21.59 17.70
C ARG C 51 -18.22 21.46 16.48
N ASN C 52 -16.93 21.58 16.74
CA ASN C 52 -15.91 21.56 15.70
C ASN C 52 -15.18 20.21 15.70
N ASP C 53 -15.62 19.31 14.81
CA ASP C 53 -14.96 18.00 14.61
C ASP C 53 -14.47 17.31 15.90
N VAL C 54 -15.37 16.77 16.71
CA VAL C 54 -14.90 16.07 17.90
C VAL C 54 -14.78 14.58 17.61
N PRO C 55 -13.57 14.04 17.76
CA PRO C 55 -13.44 12.60 17.62
C PRO C 55 -14.08 11.84 18.78
N PHE C 56 -14.52 10.63 18.48
CA PHE C 56 -15.27 9.85 19.43
C PHE C 56 -14.51 9.67 20.73
N ILE C 57 -13.20 9.54 20.66
CA ILE C 57 -12.47 9.36 21.85
C ILE C 57 -12.56 10.60 22.79
N ASP C 58 -12.68 11.79 22.21
CA ASP C 58 -12.84 13.02 23.00
C ASP C 58 -14.28 13.10 23.53
N ILE C 59 -15.23 12.54 22.80
CA ILE C 59 -16.62 12.45 23.29
C ILE C 59 -16.59 11.62 24.55
N ILE C 60 -15.93 10.47 24.48
CA ILE C 60 -15.91 9.60 25.61
C ILE C 60 -15.31 10.27 26.84
N LEU C 61 -14.18 10.95 26.66
CA LEU C 61 -13.51 11.65 27.75
C LEU C 61 -14.34 12.80 28.33
N ASP C 62 -15.15 13.44 27.50
CA ASP C 62 -16.04 14.45 28.00
C ASP C 62 -17.05 13.74 28.94
N ILE C 63 -17.72 12.71 28.45
CA ILE C 63 -18.84 12.15 29.19
C ILE C 63 -18.45 11.28 30.36
N ARG C 64 -17.27 10.66 30.27
CA ARG C 64 -16.75 9.76 31.26
C ARG C 64 -15.28 10.08 31.53
N PRO C 65 -15.02 11.13 32.29
CA PRO C 65 -13.65 11.61 32.40
C PRO C 65 -12.69 10.65 33.05
N GLU C 66 -13.17 9.62 33.72
CA GLU C 66 -12.26 8.66 34.37
C GLU C 66 -11.60 7.67 33.42
N VAL C 67 -12.10 7.57 32.19
CA VAL C 67 -11.58 6.62 31.17
C VAL C 67 -10.13 6.96 30.77
N ASP C 68 -9.27 5.94 30.64
CA ASP C 68 -7.89 6.17 30.19
C ASP C 68 -7.87 6.17 28.65
N PRO C 69 -7.62 7.35 28.03
CA PRO C 69 -7.72 7.41 26.60
C PRO C 69 -6.63 6.58 25.86
N LEU C 70 -5.62 6.12 26.57
CA LEU C 70 -4.53 5.33 25.94
C LEU C 70 -4.93 3.87 25.71
N THR C 71 -5.82 3.38 26.58
CA THR C 71 -6.19 1.97 26.65
C THR C 71 -7.61 1.68 26.24
N ILE C 72 -8.53 2.66 26.22
CA ILE C 72 -9.91 2.37 25.89
C ILE C 72 -10.13 1.92 24.47
N ASP C 73 -10.94 0.87 24.32
CA ASP C 73 -11.30 0.28 23.01
C ASP C 73 -12.55 0.90 22.48
N ALA C 74 -12.36 1.70 21.46
CA ALA C 74 -13.28 2.70 21.07
C ALA C 74 -13.17 2.92 19.57
N PRO C 75 -14.29 3.29 18.93
CA PRO C 75 -14.31 3.50 17.50
C PRO C 75 -13.66 4.81 17.09
N HIS C 76 -13.13 4.82 15.88
CA HIS C 76 -12.60 6.01 15.33
C HIS C 76 -13.65 6.55 14.38
N ILE C 77 -14.46 7.49 14.87
CA ILE C 77 -15.32 8.27 14.02
C ILE C 77 -15.39 9.70 14.56
N THR C 78 -15.81 10.60 13.70
CA THR C 78 -15.91 11.98 14.04
C THR C 78 -17.27 12.49 13.61
N PRO C 79 -18.26 12.37 14.48
CA PRO C 79 -19.62 12.83 14.13
C PRO C 79 -19.64 14.32 14.11
N ASP C 80 -20.66 14.90 13.49
CA ASP C 80 -20.82 16.34 13.54
C ASP C 80 -21.00 16.91 14.94
N ASN C 81 -21.78 16.22 15.78
CA ASN C 81 -22.08 16.74 17.11
C ASN C 81 -22.50 15.60 18.04
N TYR C 82 -22.74 15.97 19.28
CA TYR C 82 -23.26 15.03 20.23
C TYR C 82 -23.99 15.71 21.36
N LEU C 83 -24.80 14.92 22.06
CA LEU C 83 -25.48 15.40 23.24
C LEU C 83 -25.54 14.26 24.26
N TYR C 84 -25.07 14.52 25.49
CA TYR C 84 -25.16 13.59 26.60
C TYR C 84 -26.11 14.15 27.68
N ILE C 85 -27.26 13.48 27.81
CA ILE C 85 -28.39 13.93 28.62
C ILE C 85 -28.97 12.71 29.33
N ASN C 86 -29.07 12.78 30.66
CA ASN C 86 -29.65 11.68 31.47
C ASN C 86 -28.98 10.33 31.15
N ASN C 87 -27.67 10.36 31.08
CA ASN C 87 -26.85 9.17 30.83
C ASN C 87 -27.24 8.45 29.55
N VAL C 88 -27.72 9.20 28.55
CA VAL C 88 -27.87 8.77 27.17
C VAL C 88 -27.02 9.65 26.23
N LEU C 89 -26.27 9.03 25.32
CA LEU C 89 -25.40 9.71 24.37
C LEU C 89 -26.08 9.68 23.04
N TYR C 90 -26.45 10.88 22.57
CA TYR C 90 -26.97 11.04 21.23
C TYR C 90 -25.83 11.44 20.27
N ILE C 91 -25.54 10.60 19.28
CA ILE C 91 -24.56 10.95 18.27
C ILE C 91 -25.28 11.56 17.10
N ILE C 92 -24.85 12.76 16.72
CA ILE C 92 -25.61 13.59 15.80
C ILE C 92 -24.88 13.84 14.49
N ASP C 93 -25.59 13.67 13.39
CA ASP C 93 -25.06 13.99 12.07
C ASP C 93 -26.02 14.89 11.31
N TYR C 94 -25.50 15.97 10.76
CA TYR C 94 -26.31 16.87 9.94
C TYR C 94 -26.26 16.39 8.48
N LYS C 95 -27.40 16.46 7.79
CA LYS C 95 -27.48 16.24 6.35
C LYS C 95 -28.34 17.29 5.69
N VAL C 96 -27.90 17.75 4.54
CA VAL C 96 -28.76 18.55 3.68
C VAL C 96 -28.94 17.73 2.41
N SER C 97 -30.15 17.19 2.18
CA SER C 97 -30.35 16.33 1.00
C SER C 97 -31.82 16.04 0.73
N VAL C 98 -32.12 15.86 -0.55
CA VAL C 98 -33.45 15.50 -0.99
C VAL C 98 -33.78 14.03 -0.83
N SER C 99 -32.79 13.16 -0.65
CA SER C 99 -33.11 11.77 -0.39
C SER C 99 -32.42 11.26 0.88
N ASN C 100 -32.79 10.08 1.31
CA ASN C 100 -32.29 9.50 2.53
C ASN C 100 -31.04 8.63 2.34
N GLU C 101 -30.52 8.51 1.13
CA GLU C 101 -29.46 7.53 0.89
C GLU C 101 -28.22 7.82 1.69
N SER C 102 -27.80 9.07 1.70
CA SER C 102 -26.69 9.51 2.51
C SER C 102 -26.85 9.17 3.99
N SER C 103 -28.07 9.41 4.45
CA SER C 103 -28.45 9.16 5.81
C SER C 103 -28.35 7.69 6.16
N VAL C 104 -28.87 6.85 5.30
CA VAL C 104 -28.85 5.44 5.60
C VAL C 104 -27.41 4.98 5.72
N ILE C 105 -26.50 5.53 4.90
CA ILE C 105 -25.11 5.10 4.93
C ILE C 105 -24.39 5.53 6.24
N THR C 106 -24.55 6.77 6.63
CA THR C 106 -24.00 7.26 7.90
C THR C 106 -24.62 6.55 9.10
N TYR C 107 -25.93 6.38 9.12
CA TYR C 107 -26.59 5.67 10.24
C TYR C 107 -26.02 4.27 10.43
N ASP C 108 -26.08 3.46 9.37
CA ASP C 108 -25.62 2.07 9.43
C ASP C 108 -24.19 1.99 9.94
N LYS C 109 -23.30 2.82 9.46
CA LYS C 109 -21.92 2.82 9.95
C LYS C 109 -21.81 3.22 11.45
N TYR C 110 -22.48 4.31 11.81
CA TYR C 110 -22.36 4.84 13.18
C TYR C 110 -22.98 3.85 14.17
N TYR C 111 -24.15 3.30 13.81
CA TYR C 111 -24.83 2.32 14.64
C TYR C 111 -23.93 1.12 14.85
N GLU C 112 -23.38 0.59 13.77
CA GLU C 112 -22.58 -0.65 13.89
C GLU C 112 -21.30 -0.41 14.71
N LEU C 113 -20.65 0.71 14.49
CA LEU C 113 -19.36 0.92 15.12
C LEU C 113 -19.46 1.33 16.57
N THR C 114 -20.65 1.66 17.05
CA THR C 114 -20.81 2.10 18.46
C THR C 114 -21.44 1.12 19.42
N ARG C 115 -21.79 -0.07 18.94
CA ARG C 115 -22.49 -1.04 19.78
C ARG C 115 -21.61 -1.51 20.91
N ASP C 116 -20.37 -1.81 20.57
CA ASP C 116 -19.48 -2.40 21.55
C ASP C 116 -19.09 -1.37 22.63
N ILE C 117 -18.81 -0.13 22.27
CA ILE C 117 -18.49 0.89 23.25
C ILE C 117 -19.75 1.23 24.13
N SER C 118 -20.92 1.12 23.56
CA SER C 118 -22.16 1.29 24.35
C SER C 118 -22.19 0.25 25.45
N ASP C 119 -21.98 -1.02 25.10
CA ASP C 119 -21.92 -2.07 26.10
C ASP C 119 -20.78 -1.84 27.10
N ARG C 120 -19.59 -1.46 26.64
CA ARG C 120 -18.48 -1.35 27.58
C ARG C 120 -18.75 -0.22 28.61
N LEU C 121 -19.34 0.87 28.18
CA LEU C 121 -19.61 2.02 29.09
C LEU C 121 -20.92 1.86 29.90
N SER C 122 -21.73 0.87 29.49
CA SER C 122 -23.13 0.78 29.84
C SER C 122 -23.80 2.10 29.64
N ILE C 123 -23.62 2.71 28.47
CA ILE C 123 -24.38 3.89 28.10
C ILE C 123 -25.09 3.61 26.80
N PRO C 124 -26.39 3.83 26.74
CA PRO C 124 -27.09 3.73 25.47
C PRO C 124 -26.61 4.80 24.53
N ILE C 125 -26.38 4.41 23.29
CA ILE C 125 -25.87 5.30 22.28
C ILE C 125 -26.87 5.29 21.16
N GLU C 126 -27.50 6.44 20.96
CA GLU C 126 -28.52 6.68 19.97
C GLU C 126 -27.94 7.49 18.82
N ILE C 127 -28.22 7.07 17.61
CA ILE C 127 -27.67 7.67 16.42
C ILE C 127 -28.75 8.51 15.78
N VAL C 128 -28.49 9.79 15.64
CA VAL C 128 -29.52 10.71 15.26
C VAL C 128 -29.05 11.37 13.98
N ILE C 129 -29.75 11.19 12.88
CA ILE C 129 -29.39 11.84 11.64
C ILE C 129 -30.40 12.91 11.45
N ILE C 130 -29.98 14.17 11.43
CA ILE C 130 -30.93 15.29 11.25
C ILE C 130 -30.73 15.86 9.85
N ARG C 131 -31.68 15.57 9.00
CA ARG C 131 -31.63 15.94 7.60
C ARG C 131 -32.62 17.04 7.33
N ILE C 132 -32.22 18.06 6.60
CA ILE C 132 -33.15 19.00 6.03
C ILE C 132 -33.23 18.82 4.51
N ASP C 133 -34.44 18.81 3.98
CA ASP C 133 -34.65 18.71 2.53
C ASP C 133 -34.48 20.09 2.00
N PRO C 134 -33.44 20.34 1.20
CA PRO C 134 -33.21 21.72 0.78
C PRO C 134 -34.31 22.39 -0.08
N VAL C 135 -35.30 21.63 -0.58
CA VAL C 135 -36.34 22.17 -1.45
C VAL C 135 -37.59 22.56 -0.64
N SER C 136 -38.14 21.60 0.09
CA SER C 136 -39.30 21.82 0.95
C SER C 136 -38.94 22.53 2.24
N ARG C 137 -37.67 22.44 2.64
CA ARG C 137 -37.14 22.97 3.93
C ARG C 137 -37.70 22.24 5.14
N ASP C 138 -38.29 21.07 4.92
CA ASP C 138 -38.76 20.25 6.01
C ASP C 138 -37.60 19.47 6.68
N LEU C 139 -37.78 19.20 7.96
CA LEU C 139 -36.78 18.55 8.80
C LEU C 139 -37.21 17.10 8.97
N HIS C 140 -36.29 16.17 8.80
CA HIS C 140 -36.53 14.76 8.98
C HIS C 140 -35.46 14.17 9.88
N ILE C 141 -35.92 13.56 10.97
CA ILE C 141 -35.08 13.03 12.01
C ILE C 141 -35.54 11.60 12.27
N ASN C 142 -34.63 10.65 12.24
CA ASN C 142 -35.00 9.23 12.36
C ASN C 142 -35.40 8.93 13.78
N SER C 143 -34.69 9.55 14.75
CA SER C 143 -34.75 9.16 16.15
C SER C 143 -35.98 9.58 16.96
N ASP C 144 -36.84 8.63 17.36
CA ASP C 144 -38.01 8.98 18.21
C ASP C 144 -37.53 9.44 19.57
N ARG C 145 -36.53 8.77 20.11
CA ARG C 145 -36.05 9.17 21.42
C ARG C 145 -35.59 10.63 21.41
N PHE C 146 -34.91 11.05 20.34
CA PHE C 146 -34.41 12.41 20.23
C PHE C 146 -35.54 13.38 20.03
N LYS C 147 -36.49 13.03 19.17
CA LYS C 147 -37.68 13.86 18.98
C LYS C 147 -38.60 13.98 20.22
N GLU C 148 -38.71 12.95 21.06
CA GLU C 148 -39.35 13.06 22.40
C GLU C 148 -38.62 14.12 23.28
N LEU C 149 -37.31 14.18 23.17
CA LEU C 149 -36.52 15.17 23.85
C LEU C 149 -36.76 16.59 23.30
N TYR C 150 -36.93 16.68 21.98
CA TYR C 150 -37.08 17.93 21.23
C TYR C 150 -38.27 17.86 20.28
N PRO C 151 -39.48 17.94 20.82
CA PRO C 151 -40.64 17.65 19.98
C PRO C 151 -41.01 18.80 19.04
N THR C 152 -40.44 19.97 19.27
CA THR C 152 -40.84 21.15 18.54
C THR C 152 -39.58 21.86 18.03
N ILE C 153 -39.17 21.53 16.79
CA ILE C 153 -37.93 22.08 16.23
C ILE C 153 -38.27 22.87 15.00
N VAL C 154 -37.89 24.13 15.00
CA VAL C 154 -38.10 24.97 13.84
C VAL C 154 -36.77 25.60 13.47
N VAL C 155 -36.29 25.29 12.27
CA VAL C 155 -35.08 25.93 11.76
C VAL C 155 -35.53 26.69 10.52
N ASP C 156 -35.68 28.00 10.64
CA ASP C 156 -36.36 28.76 9.58
C ASP C 156 -35.32 29.45 8.72
N ILE C 157 -34.84 28.68 7.76
CA ILE C 157 -33.73 29.07 6.89
C ILE C 157 -34.10 28.70 5.47
N ASN C 158 -33.33 29.25 4.53
CA ASN C 158 -33.35 28.76 3.15
C ASN C 158 -31.95 28.77 2.56
N PHE C 159 -31.85 28.14 1.40
CA PHE C 159 -30.59 27.91 0.76
C PHE C 159 -30.55 28.59 -0.62
N ASN C 160 -31.25 29.71 -0.75
CA ASN C 160 -31.30 30.40 -2.05
C ASN C 160 -29.95 30.93 -2.51
N GLN C 161 -29.15 31.41 -1.58
CA GLN C 161 -27.83 31.88 -1.94
C GLN C 161 -27.00 30.76 -2.56
N PHE C 162 -27.15 29.54 -2.05
CA PHE C 162 -26.34 28.42 -2.52
C PHE C 162 -26.80 27.98 -3.87
N PHE C 163 -28.12 27.92 -4.06
CA PHE C 163 -28.67 27.61 -5.37
CA PHE C 163 -28.70 27.65 -5.37
C PHE C 163 -28.20 28.66 -6.39
N ASP C 164 -28.22 29.95 -6.02
CA ASP C 164 -27.86 31.03 -6.96
C ASP C 164 -26.38 30.93 -7.36
N LEU C 165 -25.52 30.77 -6.37
CA LEU C 165 -24.10 30.58 -6.64
C LEU C 165 -23.90 29.37 -7.53
N LYS C 166 -24.61 28.29 -7.26
CA LYS C 166 -24.44 27.09 -8.05
C LYS C 166 -24.85 27.36 -9.49
N GLN C 167 -25.83 28.25 -9.65
CA GLN C 167 -26.28 28.68 -10.98
C GLN C 167 -25.24 29.44 -11.76
N LEU C 168 -24.59 30.41 -11.14
CA LEU C 168 -23.51 31.11 -11.83
C LEU C 168 -22.48 30.11 -12.32
N LEU C 169 -22.04 29.23 -11.41
CA LEU C 169 -21.01 28.25 -11.70
C LEU C 169 -21.41 27.47 -12.95
N TYR C 170 -22.64 26.99 -13.02
CA TYR C 170 -23.09 26.20 -14.18
C TYR C 170 -23.35 27.06 -15.43
N GLU C 171 -23.49 28.37 -15.26
CA GLU C 171 -23.58 29.31 -16.38
C GLU C 171 -22.23 29.43 -17.07
N LYS C 172 -21.17 29.46 -16.28
CA LYS C 172 -19.86 29.64 -16.83
C LYS C 172 -19.32 28.33 -17.35
N PHE C 173 -19.59 27.24 -16.61
CA PHE C 173 -18.98 25.94 -16.95
C PHE C 173 -19.91 24.92 -17.57
N GLY C 174 -21.15 25.33 -17.83
CA GLY C 174 -22.18 24.45 -18.41
C GLY C 174 -21.91 23.78 -19.74
N ASP C 175 -20.99 24.31 -20.54
CA ASP C 175 -20.62 23.62 -21.78
C ASP C 175 -19.25 22.98 -21.77
N ASP C 176 -18.71 22.76 -20.58
CA ASP C 176 -17.45 22.04 -20.41
C ASP C 176 -17.68 20.58 -19.98
N GLU C 177 -17.53 19.64 -20.92
CA GLU C 177 -17.73 18.22 -20.61
C GLU C 177 -16.89 17.80 -19.40
N GLU C 178 -15.65 18.29 -19.32
CA GLU C 178 -14.76 17.89 -18.21
C GLU C 178 -15.43 18.23 -16.86
N PHE C 179 -16.00 19.42 -16.74
CA PHE C 179 -16.68 19.83 -15.51
C PHE C 179 -17.99 19.06 -15.25
N LEU C 180 -18.82 18.89 -16.28
CA LEU C 180 -20.11 18.25 -16.14
C LEU C 180 -19.99 16.82 -15.60
N LEU C 181 -18.91 16.14 -15.97
CA LEU C 181 -18.64 14.77 -15.54
C LEU C 181 -17.44 14.65 -14.56
N LYS C 182 -17.06 15.74 -13.91
CA LYS C 182 -15.96 15.69 -12.94
C LYS C 182 -16.42 15.09 -11.59
N VAL C 183 -15.62 14.15 -11.08
CA VAL C 183 -15.74 13.61 -9.73
C VAL C 183 -15.05 14.54 -8.70
N ALA C 184 -15.78 14.97 -7.68
N GLY D 1 10.92 -46.11 15.60
CA GLY D 1 9.67 -45.83 14.84
C GLY D 1 8.45 -45.39 15.62
N MET D 2 7.33 -45.30 14.92
CA MET D 2 6.02 -45.06 15.51
C MET D 2 5.59 -46.21 16.47
N ASP D 3 4.86 -45.82 17.49
CA ASP D 3 4.34 -46.66 18.53
C ASP D 3 3.46 -47.80 17.94
N TYR D 4 3.51 -49.03 18.47
CA TYR D 4 2.78 -50.13 17.84
C TYR D 4 1.27 -49.92 17.86
N GLN D 5 0.77 -49.39 18.96
CA GLN D 5 -0.64 -49.14 19.11
C GLN D 5 -1.11 -48.14 18.06
N GLU D 6 -0.27 -47.16 17.80
CA GLU D 6 -0.61 -46.15 16.82
C GLU D 6 -0.62 -46.75 15.43
N TYR D 7 0.35 -47.60 15.11
CA TYR D 7 0.36 -48.24 13.80
C TYR D 7 -0.88 -49.09 13.61
N GLN D 8 -1.22 -49.84 14.65
CA GLN D 8 -2.32 -50.79 14.60
CA GLN D 8 -2.33 -50.79 14.58
C GLN D 8 -3.66 -50.04 14.47
N GLN D 9 -3.77 -48.90 15.10
CA GLN D 9 -4.97 -48.11 14.94
C GLN D 9 -5.16 -47.70 13.46
N PHE D 10 -4.06 -47.27 12.83
CA PHE D 10 -4.09 -46.92 11.43
C PHE D 10 -4.43 -48.14 10.57
N LEU D 11 -3.80 -49.25 10.89
CA LEU D 11 -4.04 -50.47 10.10
C LEU D 11 -5.53 -50.81 10.14
N ALA D 12 -6.12 -50.74 11.33
CA ALA D 12 -7.56 -51.05 11.54
C ALA D 12 -8.46 -50.14 10.77
N ARG D 13 -8.19 -48.83 10.81
CA ARG D 13 -9.05 -47.87 10.05
C ARG D 13 -8.97 -48.11 8.59
N ILE D 14 -7.77 -48.35 8.09
CA ILE D 14 -7.61 -48.57 6.65
C ILE D 14 -8.35 -49.82 6.20
N ASN D 15 -8.25 -50.88 7.00
CA ASN D 15 -8.90 -52.14 6.73
C ASN D 15 -10.44 -52.00 6.83
N THR D 16 -10.95 -51.14 7.72
CA THR D 16 -12.42 -50.99 7.87
C THR D 16 -13.00 -50.03 6.86
N ALA D 17 -12.20 -49.08 6.40
CA ALA D 17 -12.65 -48.03 5.51
C ALA D 17 -13.24 -48.58 4.24
N ARG D 18 -14.38 -48.02 3.81
CA ARG D 18 -14.99 -48.36 2.53
C ARG D 18 -15.39 -47.17 1.68
N ASP D 19 -15.18 -45.96 2.20
CA ASP D 19 -15.67 -44.76 1.57
C ASP D 19 -14.57 -43.72 1.52
N ALA D 20 -14.61 -42.96 0.42
CA ALA D 20 -13.60 -41.95 0.09
C ALA D 20 -13.41 -40.96 1.22
N CYS D 21 -14.48 -40.53 1.87
CA CYS D 21 -14.33 -39.48 2.88
C CYS D 21 -13.57 -39.98 4.14
N VAL D 22 -13.80 -41.24 4.48
CA VAL D 22 -13.10 -41.89 5.57
C VAL D 22 -11.61 -42.05 5.22
N ALA D 23 -11.34 -42.45 4.00
CA ALA D 23 -9.99 -42.71 3.54
C ALA D 23 -9.21 -41.42 3.56
N LYS D 24 -9.85 -40.32 3.18
CA LYS D 24 -9.16 -39.02 3.20
C LYS D 24 -8.91 -38.54 4.59
N ASP D 25 -9.85 -38.69 5.51
CA ASP D 25 -9.51 -38.41 6.91
C ASP D 25 -8.31 -39.23 7.43
N ILE D 26 -8.15 -40.48 6.97
CA ILE D 26 -6.97 -41.30 7.39
C ILE D 26 -5.66 -40.68 6.87
N ASP D 27 -5.64 -40.40 5.58
CA ASP D 27 -4.55 -39.70 4.86
C ASP D 27 -4.13 -38.47 5.68
N VAL D 28 -5.09 -37.64 6.03
CA VAL D 28 -4.80 -36.44 6.82
C VAL D 28 -4.28 -36.82 8.20
N ASP D 29 -4.90 -37.80 8.86
CA ASP D 29 -4.43 -38.15 10.21
C ASP D 29 -3.00 -38.74 10.24
N LEU D 30 -2.63 -39.43 9.20
CA LEU D 30 -1.29 -40.00 9.04
C LEU D 30 -0.24 -38.88 8.96
N LEU D 31 -0.54 -37.86 8.17
CA LEU D 31 0.35 -36.74 8.01
C LEU D 31 0.51 -36.02 9.34
N MET D 32 -0.55 -35.87 10.12
CA MET D 32 -0.45 -35.21 11.43
C MET D 32 0.32 -36.08 12.42
N ALA D 33 0.13 -37.39 12.35
CA ALA D 33 0.86 -38.32 13.26
C ALA D 33 2.35 -38.33 12.93
N ARG D 34 2.68 -38.28 11.65
CA ARG D 34 4.05 -38.15 11.18
C ARG D 34 4.71 -36.87 11.71
N HIS D 35 3.98 -35.78 11.66
CA HIS D 35 4.43 -34.50 12.15
C HIS D 35 4.68 -34.57 13.63
N ASP D 36 3.75 -35.15 14.36
CA ASP D 36 3.86 -35.25 15.82
C ASP D 36 4.97 -36.23 16.22
N TYR D 37 5.11 -37.33 15.48
CA TYR D 37 6.23 -38.26 15.68
C TYR D 37 7.59 -37.51 15.56
N PHE D 38 7.77 -36.77 14.50
CA PHE D 38 9.00 -35.95 14.37
C PHE D 38 9.16 -34.99 15.54
N GLY D 39 8.08 -34.31 15.92
CA GLY D 39 8.17 -33.35 17.00
C GLY D 39 8.71 -33.98 18.28
N ARG D 40 8.16 -35.14 18.64
CA ARG D 40 8.59 -35.83 19.85
C ARG D 40 10.08 -36.17 19.76
N GLU D 41 10.50 -36.80 18.67
CA GLU D 41 11.89 -37.21 18.51
C GLU D 41 12.81 -36.00 18.46
N LEU D 42 12.41 -34.96 17.74
CA LEU D 42 13.22 -33.74 17.69
C LEU D 42 13.41 -33.19 19.08
N CYS D 43 12.36 -33.15 19.87
CA CYS D 43 12.48 -32.57 21.19
C CYS D 43 13.44 -33.40 22.10
N LYS D 44 13.43 -34.71 21.91
CA LYS D 44 14.36 -35.61 22.61
C LYS D 44 15.80 -35.34 22.14
N SER D 45 16.01 -35.11 20.84
CA SER D 45 17.33 -34.78 20.35
C SER D 45 17.82 -33.44 20.88
N LEU D 46 16.94 -32.48 21.07
CA LEU D 46 17.33 -31.15 21.53
C LEU D 46 17.38 -31.04 23.06
N ASN D 47 16.88 -32.07 23.75
CA ASN D 47 16.73 -32.03 25.21
C ASN D 47 15.90 -30.84 25.69
N ILE D 48 14.76 -30.64 25.03
CA ILE D 48 13.78 -29.66 25.45
C ILE D 48 12.46 -30.36 25.68
N GLU D 49 11.56 -29.71 26.40
CA GLU D 49 10.28 -30.28 26.71
C GLU D 49 9.41 -30.29 25.44
N TYR D 50 8.74 -31.42 25.22
CA TYR D 50 7.68 -31.52 24.23
C TYR D 50 6.46 -30.78 24.77
N ARG D 51 5.95 -29.82 24.02
CA ARG D 51 4.87 -28.98 24.54
C ARG D 51 3.55 -29.21 23.83
N ASN D 52 2.51 -29.08 24.64
CA ASN D 52 1.15 -29.45 24.31
C ASN D 52 0.30 -28.18 24.10
N ASP D 53 0.31 -27.65 22.87
CA ASP D 53 -0.54 -26.50 22.51
C ASP D 53 -0.52 -25.36 23.54
N VAL D 54 0.57 -24.60 23.52
CA VAL D 54 0.68 -23.44 24.40
C VAL D 54 0.31 -22.20 23.58
N PRO D 55 -0.79 -21.55 23.95
CA PRO D 55 -1.16 -20.37 23.19
C PRO D 55 -0.15 -19.30 23.44
N PHE D 56 -0.03 -18.35 22.54
CA PHE D 56 0.98 -17.33 22.69
C PHE D 56 0.82 -16.52 24.00
N ILE D 57 -0.39 -16.33 24.45
CA ILE D 57 -0.57 -15.58 25.69
C ILE D 57 0.06 -16.34 26.84
N ASP D 58 -0.01 -17.66 26.81
CA ASP D 58 0.67 -18.41 27.86
C ASP D 58 2.18 -18.43 27.74
N ILE D 59 2.71 -18.30 26.51
CA ILE D 59 4.15 -18.18 26.37
C ILE D 59 4.62 -16.91 27.09
N ILE D 60 3.86 -15.84 26.93
CA ILE D 60 4.23 -14.54 27.49
C ILE D 60 4.14 -14.57 29.02
N LEU D 61 3.09 -15.20 29.55
CA LEU D 61 2.94 -15.36 31.00
C LEU D 61 4.06 -16.22 31.58
N ASP D 62 4.61 -17.12 30.80
CA ASP D 62 5.70 -17.95 31.28
C ASP D 62 6.99 -17.14 31.41
N ILE D 63 7.21 -16.16 30.52
CA ILE D 63 8.51 -15.49 30.49
C ILE D 63 8.48 -14.12 31.11
N ARG D 64 7.28 -13.55 31.20
CA ARG D 64 7.07 -12.30 31.84
C ARG D 64 5.81 -12.45 32.70
N PRO D 65 5.94 -13.12 33.88
CA PRO D 65 4.78 -13.46 34.67
C PRO D 65 4.05 -12.27 35.28
N GLU D 66 4.61 -11.07 35.17
CA GLU D 66 3.93 -9.87 35.69
C GLU D 66 2.88 -9.28 34.75
N VAL D 67 2.85 -9.77 33.52
CA VAL D 67 1.97 -9.24 32.52
C VAL D 67 0.51 -9.59 32.83
N ASP D 68 -0.40 -8.73 32.40
CA ASP D 68 -1.78 -8.96 32.65
C ASP D 68 -2.46 -9.58 31.41
N PRO D 69 -2.82 -10.89 31.51
CA PRO D 69 -3.35 -11.59 30.35
C PRO D 69 -4.64 -11.03 29.86
N LEU D 70 -5.31 -10.29 30.71
CA LEU D 70 -6.56 -9.73 30.30
C LEU D 70 -6.36 -8.48 29.49
N THR D 71 -5.22 -7.83 29.61
CA THR D 71 -5.05 -6.54 28.90
C THR D 71 -3.97 -6.54 27.82
N ILE D 72 -3.07 -7.48 27.85
CA ILE D 72 -1.94 -7.39 26.91
C ILE D 72 -2.38 -7.50 25.44
N ASP D 73 -1.83 -6.65 24.56
CA ASP D 73 -2.10 -6.73 23.11
C ASP D 73 -1.10 -7.72 22.52
N ALA D 74 -1.59 -8.85 22.06
CA ALA D 74 -0.76 -10.04 21.85
C ALA D 74 -1.42 -10.88 20.79
N PRO D 75 -0.61 -11.52 19.92
CA PRO D 75 -1.20 -12.23 18.81
C PRO D 75 -1.86 -13.52 19.25
N HIS D 76 -2.77 -14.01 18.42
CA HIS D 76 -3.47 -15.23 18.72
C HIS D 76 -2.83 -16.28 17.80
N ILE D 77 -1.77 -16.94 18.27
CA ILE D 77 -1.20 -18.08 17.55
C ILE D 77 -0.85 -19.17 18.56
N THR D 78 -0.79 -20.40 18.10
CA THR D 78 -0.37 -21.50 18.93
C THR D 78 0.72 -22.31 18.24
N PRO D 79 1.99 -21.91 18.44
CA PRO D 79 3.11 -22.64 17.85
C PRO D 79 3.33 -24.02 18.45
N ASP D 80 4.03 -24.88 17.71
CA ASP D 80 4.34 -26.20 18.22
C ASP D 80 5.16 -26.16 19.54
N ASN D 81 6.04 -25.18 19.68
CA ASN D 81 6.90 -25.13 20.83
C ASN D 81 7.54 -23.74 20.91
N TYR D 82 8.39 -23.55 21.94
CA TYR D 82 9.16 -22.34 22.14
C TYR D 82 10.27 -22.57 23.15
N LEU D 83 11.27 -21.70 23.12
CA LEU D 83 12.40 -21.66 24.05
C LEU D 83 12.73 -20.18 24.34
N TYR D 84 12.90 -19.86 25.62
CA TYR D 84 13.32 -18.54 26.05
C TYR D 84 14.72 -18.69 26.65
N ILE D 85 15.72 -18.26 25.89
CA ILE D 85 17.11 -18.38 26.34
C ILE D 85 17.88 -17.10 26.14
N ASN D 86 18.55 -16.65 27.20
CA ASN D 86 19.34 -15.44 27.16
C ASN D 86 18.50 -14.26 26.63
N ASN D 87 17.31 -14.13 27.20
CA ASN D 87 16.35 -13.10 26.77
C ASN D 87 16.08 -13.06 25.26
N VAL D 88 16.11 -14.20 24.59
CA VAL D 88 15.57 -14.31 23.25
C VAL D 88 14.45 -15.37 23.28
N LEU D 89 13.30 -15.05 22.67
CA LEU D 89 12.18 -15.96 22.53
C LEU D 89 12.23 -16.59 21.15
N TYR D 90 12.50 -17.89 21.11
CA TYR D 90 12.46 -18.68 19.90
C TYR D 90 11.11 -19.36 19.78
N ILE D 91 10.38 -19.06 18.72
CA ILE D 91 9.08 -19.60 18.48
C ILE D 91 9.28 -20.71 17.45
N ILE D 92 8.98 -21.95 17.82
CA ILE D 92 9.32 -23.12 17.02
C ILE D 92 8.13 -23.85 16.40
N ASP D 93 8.23 -24.12 15.10
CA ASP D 93 7.26 -24.92 14.35
C ASP D 93 7.97 -26.13 13.70
N TYR D 94 7.40 -27.33 13.88
CA TYR D 94 7.86 -28.52 13.21
C TYR D 94 7.18 -28.63 11.87
N LYS D 95 7.90 -29.14 10.87
CA LYS D 95 7.32 -29.51 9.60
C LYS D 95 7.97 -30.81 9.12
N VAL D 96 7.18 -31.67 8.49
CA VAL D 96 7.70 -32.79 7.74
C VAL D 96 7.19 -32.63 6.31
N SER D 97 8.08 -32.30 5.38
CA SER D 97 7.68 -32.05 4.00
C SER D 97 8.85 -32.06 3.02
N VAL D 98 8.63 -32.52 1.80
CA VAL D 98 9.65 -32.48 0.76
C VAL D 98 9.78 -31.09 0.15
N SER D 99 8.92 -30.15 0.57
CA SER D 99 9.00 -28.79 0.06
C SER D 99 8.87 -27.76 1.17
N ASN D 100 9.29 -26.53 0.86
CA ASN D 100 9.22 -25.43 1.81
C ASN D 100 7.91 -24.63 1.79
N GLU D 101 6.93 -25.06 1.01
CA GLU D 101 5.78 -24.19 0.74
C GLU D 101 5.01 -23.91 2.01
N SER D 102 4.73 -24.97 2.76
CA SER D 102 4.02 -24.86 4.01
C SER D 102 4.85 -24.10 5.06
N SER D 103 6.17 -24.16 4.97
CA SER D 103 7.06 -23.45 5.89
C SER D 103 7.01 -21.94 5.70
N VAL D 104 7.00 -21.51 4.43
CA VAL D 104 6.93 -20.09 4.08
C VAL D 104 5.63 -19.52 4.60
N ILE D 105 4.55 -20.29 4.51
CA ILE D 105 3.24 -19.82 4.98
C ILE D 105 3.25 -19.59 6.47
N THR D 106 3.72 -20.61 7.20
CA THR D 106 3.85 -20.51 8.61
C THR D 106 4.84 -19.41 9.03
N TYR D 107 6.02 -19.37 8.41
CA TYR D 107 6.98 -18.33 8.77
C TYR D 107 6.37 -16.93 8.58
N ASP D 108 5.76 -16.67 7.45
CA ASP D 108 5.29 -15.32 7.16
C ASP D 108 4.23 -14.90 8.17
N LYS D 109 3.35 -15.84 8.47
CA LYS D 109 2.28 -15.57 9.41
C LYS D 109 2.90 -15.27 10.78
N TYR D 110 3.74 -16.18 11.28
CA TYR D 110 4.27 -15.98 12.62
C TYR D 110 5.17 -14.75 12.75
N TYR D 111 5.98 -14.50 11.73
CA TYR D 111 6.90 -13.38 11.70
C TYR D 111 6.05 -12.12 11.80
N GLU D 112 5.14 -11.96 10.85
CA GLU D 112 4.32 -10.75 10.79
C GLU D 112 3.49 -10.54 12.06
N LEU D 113 2.90 -11.60 12.59
CA LEU D 113 2.04 -11.45 13.77
C LEU D 113 2.82 -11.25 15.06
N THR D 114 4.13 -11.41 15.05
CA THR D 114 4.89 -11.21 16.31
C THR D 114 5.77 -9.96 16.38
N ARG D 115 5.83 -9.13 15.34
CA ARG D 115 6.72 -7.92 15.36
C ARG D 115 6.35 -6.93 16.48
N ASP D 116 5.05 -6.65 16.60
CA ASP D 116 4.53 -5.62 17.54
C ASP D 116 4.76 -6.07 18.96
N ILE D 117 4.43 -7.32 19.26
CA ILE D 117 4.62 -7.80 20.62
C ILE D 117 6.10 -7.90 20.97
N SER D 118 6.93 -8.20 19.97
CA SER D 118 8.38 -8.15 20.19
C SER D 118 8.80 -6.76 20.61
N ASP D 119 8.34 -5.75 19.90
CA ASP D 119 8.62 -4.33 20.24
C ASP D 119 8.04 -3.94 21.58
N ARG D 120 6.78 -4.28 21.86
CA ARG D 120 6.16 -3.98 23.18
C ARG D 120 6.90 -4.58 24.38
N LEU D 121 7.32 -5.83 24.28
CA LEU D 121 8.07 -6.50 25.33
C LEU D 121 9.59 -6.17 25.38
N SER D 122 10.17 -5.65 24.31
CA SER D 122 11.66 -5.51 24.16
C SER D 122 12.30 -6.87 24.29
N ILE D 123 11.73 -7.83 23.56
CA ILE D 123 12.30 -9.17 23.50
C ILE D 123 12.35 -9.56 22.05
N PRO D 124 13.55 -9.82 21.53
CA PRO D 124 13.63 -10.28 20.15
C PRO D 124 12.87 -11.59 19.98
N ILE D 125 12.01 -11.64 18.95
CA ILE D 125 11.26 -12.88 18.68
C ILE D 125 11.73 -13.51 17.36
N GLU D 126 12.36 -14.66 17.51
CA GLU D 126 12.95 -15.37 16.41
C GLU D 126 12.01 -16.51 15.95
N ILE D 127 11.62 -16.52 14.67
CA ILE D 127 10.75 -17.55 14.18
C ILE D 127 11.58 -18.72 13.60
N VAL D 128 11.39 -19.94 14.14
CA VAL D 128 12.21 -21.11 13.83
C VAL D 128 11.36 -22.25 13.23
N ILE D 129 11.48 -22.47 11.93
CA ILE D 129 10.82 -23.57 11.27
C ILE D 129 11.84 -24.72 11.20
N ILE D 130 11.55 -25.83 11.88
CA ILE D 130 12.40 -26.98 11.82
C ILE D 130 11.71 -28.00 10.95
N ARG D 131 12.17 -28.13 9.73
CA ARG D 131 11.59 -29.04 8.78
C ARG D 131 12.50 -30.22 8.52
N ILE D 132 11.93 -31.42 8.46
CA ILE D 132 12.68 -32.60 8.00
C ILE D 132 12.08 -33.06 6.69
N ASP D 133 12.94 -33.33 5.73
CA ASP D 133 12.50 -33.80 4.43
C ASP D 133 12.36 -35.29 4.66
N PRO D 134 11.14 -35.85 4.50
CA PRO D 134 10.97 -37.26 4.83
C PRO D 134 11.63 -38.24 3.89
N VAL D 135 12.10 -37.83 2.74
CA VAL D 135 12.77 -38.75 1.81
C VAL D 135 14.26 -38.77 2.08
N SER D 136 14.88 -37.59 2.13
CA SER D 136 16.31 -37.49 2.38
C SER D 136 16.60 -37.67 3.82
N ARG D 137 15.61 -37.35 4.66
CA ARG D 137 15.81 -37.23 6.11
C ARG D 137 16.77 -36.13 6.55
N ASP D 138 17.10 -35.17 5.71
CA ASP D 138 17.92 -34.04 6.22
C ASP D 138 17.09 -33.01 6.97
N LEU D 139 17.70 -32.37 7.93
CA LEU D 139 17.11 -31.24 8.65
C LEU D 139 17.39 -29.94 7.95
N HIS D 140 16.35 -29.11 7.84
CA HIS D 140 16.45 -27.77 7.27
C HIS D 140 15.89 -26.76 8.24
N ILE D 141 16.77 -25.87 8.72
CA ILE D 141 16.39 -24.92 9.75
C ILE D 141 16.73 -23.51 9.26
N ASN D 142 15.70 -22.67 9.12
CA ASN D 142 15.90 -21.31 8.63
C ASN D 142 16.78 -20.44 9.54
N SER D 143 16.65 -20.58 10.85
CA SER D 143 17.21 -19.56 11.79
C SER D 143 18.69 -19.79 12.12
N ASP D 144 19.55 -18.94 11.61
CA ASP D 144 20.98 -18.98 11.94
C ASP D 144 21.20 -18.81 13.45
N ARG D 145 20.39 -17.97 14.10
CA ARG D 145 20.55 -17.73 15.52
C ARG D 145 20.28 -18.99 16.31
N PHE D 146 19.22 -19.71 15.95
CA PHE D 146 18.91 -20.98 16.56
C PHE D 146 20.01 -22.01 16.31
N LYS D 147 20.53 -22.05 15.09
CA LYS D 147 21.61 -23.02 14.76
C LYS D 147 22.94 -22.77 15.52
N GLU D 148 23.21 -21.52 15.83
CA GLU D 148 24.30 -21.12 16.71
C GLU D 148 24.18 -21.79 18.07
N LEU D 149 22.94 -21.89 18.53
CA LEU D 149 22.65 -22.45 19.86
C LEU D 149 22.67 -23.98 19.84
N TYR D 150 22.18 -24.55 18.74
CA TYR D 150 22.20 -25.99 18.49
C TYR D 150 22.84 -26.30 17.13
N PRO D 151 24.18 -26.30 17.08
CA PRO D 151 24.87 -26.45 15.79
C PRO D 151 24.97 -27.87 15.26
N THR D 152 24.80 -28.86 16.13
CA THR D 152 24.94 -30.26 15.73
C THR D 152 23.68 -31.04 16.10
N ILE D 153 22.63 -30.86 15.32
CA ILE D 153 21.37 -31.54 15.63
C ILE D 153 21.28 -32.83 14.83
N VAL D 154 21.08 -33.93 15.54
CA VAL D 154 20.91 -35.25 14.91
C VAL D 154 19.59 -35.84 15.42
N VAL D 155 18.68 -36.10 14.48
CA VAL D 155 17.44 -36.80 14.74
C VAL D 155 17.44 -38.03 13.82
N ASP D 156 17.88 -39.18 14.34
CA ASP D 156 18.02 -40.37 13.48
C ASP D 156 16.68 -41.12 13.47
N ILE D 157 15.85 -40.80 12.50
CA ILE D 157 14.54 -41.44 12.41
C ILE D 157 14.19 -41.68 10.98
N ASN D 158 13.17 -42.49 10.76
CA ASN D 158 12.57 -42.53 9.44
C ASN D 158 11.05 -42.64 9.46
N PHE D 159 10.45 -42.46 8.28
CA PHE D 159 9.05 -42.45 8.12
C PHE D 159 8.54 -43.60 7.31
N ASN D 160 9.26 -44.73 7.30
CA ASN D 160 8.88 -45.88 6.46
C ASN D 160 7.48 -46.43 6.73
N GLN D 161 7.05 -46.41 7.97
CA GLN D 161 5.70 -46.86 8.32
C GLN D 161 4.58 -45.96 7.84
N PHE D 162 4.79 -44.64 7.87
CA PHE D 162 3.80 -43.73 7.34
C PHE D 162 3.70 -43.90 5.87
N PHE D 163 4.85 -44.07 5.21
CA PHE D 163 4.86 -44.33 3.77
C PHE D 163 4.20 -45.65 3.43
N ASP D 164 4.47 -46.70 4.22
CA ASP D 164 3.80 -47.97 3.98
C ASP D 164 2.29 -47.85 4.15
N LEU D 165 1.83 -47.20 5.24
CA LEU D 165 0.38 -47.11 5.48
C LEU D 165 -0.31 -46.34 4.37
N LYS D 166 0.36 -45.27 3.91
CA LYS D 166 -0.21 -44.40 2.90
C LYS D 166 -0.25 -45.17 1.62
N GLN D 167 0.83 -45.91 1.37
CA GLN D 167 0.82 -46.68 0.19
C GLN D 167 -0.31 -47.74 0.18
N LEU D 168 -0.58 -48.31 1.33
CA LEU D 168 -1.64 -49.31 1.44
C LEU D 168 -3.01 -48.65 1.18
N LEU D 169 -3.20 -47.48 1.78
CA LEU D 169 -4.47 -46.74 1.63
C LEU D 169 -4.72 -46.44 0.17
N TYR D 170 -3.68 -46.02 -0.54
CA TYR D 170 -3.87 -45.62 -1.96
C TYR D 170 -4.03 -46.80 -2.84
N GLU D 171 -3.49 -47.92 -2.45
CA GLU D 171 -3.74 -49.12 -3.23
C GLU D 171 -5.21 -49.59 -3.06
N LYS D 172 -5.68 -49.61 -1.83
CA LYS D 172 -7.05 -50.01 -1.52
C LYS D 172 -8.09 -49.06 -2.18
N PHE D 173 -7.81 -47.75 -2.20
CA PHE D 173 -8.72 -46.76 -2.83
C PHE D 173 -8.29 -46.24 -4.20
N GLY D 174 -7.44 -47.00 -4.88
CA GLY D 174 -6.82 -46.56 -6.15
C GLY D 174 -7.77 -46.54 -7.35
N ASP D 175 -8.92 -47.19 -7.25
CA ASP D 175 -9.94 -47.02 -8.30
C ASP D 175 -11.19 -46.32 -7.78
N ASP D 176 -11.02 -45.49 -6.78
CA ASP D 176 -12.08 -44.61 -6.32
C ASP D 176 -11.70 -43.15 -6.71
N GLU D 177 -12.30 -42.67 -7.81
CA GLU D 177 -12.03 -41.32 -8.31
C GLU D 177 -12.28 -40.27 -7.25
N GLU D 178 -13.35 -40.48 -6.50
CA GLU D 178 -13.75 -39.58 -5.46
C GLU D 178 -12.65 -39.46 -4.38
N PHE D 179 -12.04 -40.56 -3.99
CA PHE D 179 -10.94 -40.47 -3.06
C PHE D 179 -9.72 -39.79 -3.69
N LEU D 180 -9.36 -40.20 -4.90
CA LEU D 180 -8.16 -39.68 -5.54
C LEU D 180 -8.17 -38.14 -5.71
N LEU D 181 -9.36 -37.53 -5.86
CA LEU D 181 -9.51 -36.08 -6.06
C LEU D 181 -10.13 -35.38 -4.85
N LYS D 182 -10.20 -36.05 -3.70
CA LYS D 182 -10.78 -35.46 -2.49
C LYS D 182 -9.85 -34.46 -1.79
N VAL D 183 -10.42 -33.30 -1.44
CA VAL D 183 -9.77 -32.27 -0.64
C VAL D 183 -9.92 -32.59 0.87
N ALA D 184 -8.88 -32.26 1.65
CA ALA D 184 -8.90 -32.37 3.14
C ALA D 184 -9.99 -31.55 3.85
#